data_1VBA
#
_entry.id   1VBA
#
_cell.length_a   321.060
_cell.length_b   358.620
_cell.length_c   381.820
_cell.angle_alpha   90.00
_cell.angle_beta   90.00
_cell.angle_gamma   90.00
#
_symmetry.space_group_name_H-M   'I 2 2 2'
#
loop_
_entity.id
_entity.type
_entity.pdbx_description
1 polymer 'POLIOVIRUS TYPE 3'
2 polymer 'POLIOVIRUS TYPE 3'
3 polymer 'POLIOVIRUS TYPE 3'
4 polymer 'POLIOVIRUS TYPE 3'
5 polymer 'POLIOVIRUS TYPE 3'
6 non-polymer '(METHYLPYRIDAZINE PIPERIDINE PROPYLOXYPHENYL)ETHYLACETATE'
7 non-polymer 'MYRISTIC ACID'
#
loop_
_entity_poly.entity_id
_entity_poly.type
_entity_poly.pdbx_seq_one_letter_code
_entity_poly.pdbx_strand_id
1 'polypeptide(L)' ISEV 0
2 'polypeptide(L)'
;GIEDLISEVAQGALTLSLPKQQDSLPDTKASGPAHSKEVPALTAVETGATNPLAPSDTVQTRHVVQRRSRSESTIESFFA
RGACVAIIEVDNEQPTTRAQKLFAMWRITYKDTVQLRRKLEFFTYSRFDMEFTFVVTANFTNANNGHALNQVYQIMYIPP
GAPTPKSWDDYTWQTSSNPSIFYTYGAAPARISVPYVGLANAYSHFYDGFAKVPLKTDANDQIGDSLYSAMTVDDFGVLA
VRVVNDHNPTKVTSKVRIYMKPKHVRVWCPRPPRAVPYYGPGVDYRNNLDPLSEKGLTTY
;
1
3 'polypeptide(L)'
;SPNVEACGYSDRVLQLTLGNSTITTQEAANSVVAYGRWPEFIRDDEANPVDQPTEPDVATCRFYTLDTVMWGKESKGWWW
KLPDALRDMGLFGQNMYYHYLGRSGYTVHVQCNASKFHQGALGVFAIPEYCLAGDSDKQRYTSYANANPGERGGKFYSQF
NKDNAVTSPKREFCPVDYLLGCGVLLGNAFVYPHQIINLRTNNSATIVLPYVNALAIDSMVKHNNWGIAILPLSPLDFAQ
DSSVEIPITVTIAPMCSEFNGLRNVTAPKFQ
;
2
4 'polypeptide(L)'
;GLPVLNTPGSNQYLTSDNHQSPCAIPEFDVTPPIDIPGEVKNMMELAEIDTMIPLNLESTKRNTMDMYRVTLSDSADLSQ
PILCLSLSPAFDPRLSHTMLGEVLNYYTHWAGSLKFTFLFCGSMMATGKILVAYAPPGAQPPTSRKEAMLGTHVIWDLGL
QSSCTMVVPWISNVTYRQTTQDSFTEGGYISMFYQTRIVVPLSTPKSMSMLGFVSACNDFSVRLLRDTTHISQSA
;
3
5 'polypeptide(L)' GAQVSSQKVGAHENSNRAYGGSTINYTTINYYKDSASNAASKQDYSQDPSKFTEPLKDVLIKTAPALN 4
#
loop_
_chem_comp.id
_chem_comp.type
_chem_comp.name
_chem_comp.formula
J78 non-polymer '(METHYLPYRIDAZINE PIPERIDINE PROPYLOXYPHENYL)ETHYLACETATE' 'C22 H29 N3 O3'
MYR non-polymer 'MYRISTIC ACID' 'C14 H28 O2'
#
# COMPACT_ATOMS: atom_id res chain seq x y z
N ILE A 1 42.04 -2.88 6.95
CA ILE A 1 40.76 -3.60 6.99
C ILE A 1 39.74 -3.05 8.00
N SER A 2 38.47 -3.45 7.88
CA SER A 2 37.41 -3.06 8.80
C SER A 2 36.44 -4.18 9.18
N GLU A 3 36.80 -4.88 10.24
CA GLU A 3 36.01 -5.97 10.83
C GLU A 3 34.84 -5.50 11.71
N VAL A 4 33.59 -5.57 11.25
CA VAL A 4 32.42 -5.16 12.06
C VAL A 4 32.10 -6.00 13.29
N GLN B 22 22.10 -10.12 16.89
CA GLN B 22 20.87 -10.88 17.06
C GLN B 22 19.62 -10.21 16.48
N ASP B 23 18.75 -11.03 15.91
CA ASP B 23 17.56 -10.58 15.24
C ASP B 23 16.33 -11.43 15.49
N SER B 24 16.37 -12.32 16.48
CA SER B 24 15.23 -13.19 16.71
C SER B 24 14.05 -12.46 17.32
N LEU B 25 12.87 -12.99 17.07
CA LEU B 25 11.65 -12.42 17.56
C LEU B 25 11.45 -12.59 19.07
N PRO B 26 10.61 -11.78 19.76
CA PRO B 26 10.43 -11.85 21.19
C PRO B 26 10.00 -13.22 21.71
N ASP B 27 10.51 -13.60 22.85
CA ASP B 27 10.12 -14.85 23.48
C ASP B 27 8.71 -14.85 24.05
N THR B 28 8.06 -16.00 24.05
CA THR B 28 6.78 -16.12 24.73
C THR B 28 7.01 -16.27 26.24
N LYS B 29 6.33 -15.42 27.00
CA LYS B 29 6.39 -15.51 28.43
C LYS B 29 5.44 -16.50 29.08
N ALA B 30 5.86 -17.16 30.16
CA ALA B 30 4.95 -18.03 30.87
C ALA B 30 3.88 -17.13 31.51
N SER B 31 2.65 -17.48 31.25
CA SER B 31 1.53 -16.72 31.79
C SER B 31 0.46 -17.65 32.34
N GLY B 32 0.00 -17.29 33.53
CA GLY B 32 -0.93 -18.12 34.27
C GLY B 32 -2.38 -17.63 34.30
N PRO B 33 -3.23 -18.15 35.20
CA PRO B 33 -4.62 -17.71 35.34
C PRO B 33 -4.83 -16.25 35.68
N ALA B 34 -5.97 -15.67 35.31
CA ALA B 34 -6.33 -14.32 35.67
C ALA B 34 -7.77 -14.16 36.18
N HIS B 35 -7.99 -13.27 37.16
CA HIS B 35 -9.34 -12.88 37.61
C HIS B 35 -9.17 -11.39 37.93
N SER B 36 -9.24 -10.47 36.95
CA SER B 36 -8.95 -9.08 37.26
C SER B 36 -9.71 -8.00 36.52
N LYS B 37 -9.54 -6.76 36.98
CA LYS B 37 -10.05 -5.58 36.29
C LYS B 37 -9.30 -5.20 35.00
N GLU B 38 -8.18 -5.85 34.71
CA GLU B 38 -7.48 -5.58 33.46
C GLU B 38 -8.02 -6.46 32.34
N VAL B 39 -8.53 -5.81 31.31
CA VAL B 39 -9.19 -6.52 30.24
C VAL B 39 -8.56 -6.27 28.87
N PRO B 40 -7.38 -6.83 28.55
CA PRO B 40 -6.73 -6.69 27.23
C PRO B 40 -7.60 -7.12 26.04
N ALA B 41 -8.41 -8.15 26.28
CA ALA B 41 -9.31 -8.71 25.27
C ALA B 41 -10.32 -7.73 24.73
N LEU B 42 -10.79 -6.78 25.52
CA LEU B 42 -11.72 -5.79 24.99
C LEU B 42 -11.01 -4.56 24.47
N THR B 43 -11.53 -3.93 23.44
CA THR B 43 -10.91 -2.73 22.88
C THR B 43 -11.86 -1.88 22.08
N ALA B 44 -11.39 -0.83 21.38
CA ALA B 44 -12.21 -0.04 20.48
C ALA B 44 -11.50 0.33 19.20
N VAL B 45 -11.65 -0.43 18.12
CA VAL B 45 -10.97 -0.16 16.84
C VAL B 45 -11.27 1.16 16.15
N GLU B 46 -12.32 1.84 16.61
CA GLU B 46 -12.70 3.17 16.13
C GLU B 46 -11.58 4.19 16.25
N THR B 47 -10.78 4.00 17.30
CA THR B 47 -9.60 4.81 17.58
C THR B 47 -8.62 4.92 16.43
N GLY B 48 -8.67 3.97 15.53
CA GLY B 48 -7.73 3.90 14.44
C GLY B 48 -6.58 2.95 14.76
N ALA B 49 -6.57 2.37 15.96
CA ALA B 49 -5.48 1.51 16.38
C ALA B 49 -5.70 0.01 16.40
N THR B 50 -4.63 -0.76 16.17
CA THR B 50 -4.67 -2.21 16.22
C THR B 50 -4.28 -2.63 17.63
N ASN B 51 -5.06 -3.51 18.23
CA ASN B 51 -4.85 -3.99 19.60
C ASN B 51 -3.55 -4.78 19.77
N PRO B 52 -2.58 -4.36 20.58
CA PRO B 52 -1.24 -4.97 20.67
C PRO B 52 -1.24 -6.34 21.37
N LEU B 53 -2.20 -7.25 21.17
CA LEU B 53 -2.21 -8.46 21.98
C LEU B 53 -1.29 -9.61 21.57
N ALA B 54 -0.92 -10.34 22.59
CA ALA B 54 -0.05 -11.50 22.48
C ALA B 54 -0.77 -12.72 23.06
N PRO B 55 -0.50 -13.98 22.69
CA PRO B 55 -1.18 -15.15 23.27
C PRO B 55 -1.33 -15.19 24.78
N SER B 56 -0.31 -14.73 25.49
CA SER B 56 -0.37 -14.67 26.96
C SER B 56 -1.37 -13.69 27.57
N ASP B 57 -2.03 -12.86 26.77
CA ASP B 57 -3.03 -11.93 27.25
C ASP B 57 -4.42 -12.50 27.39
N THR B 58 -4.68 -13.58 26.67
CA THR B 58 -5.98 -14.23 26.67
C THR B 58 -5.92 -15.73 26.91
N VAL B 59 -4.74 -16.38 26.86
CA VAL B 59 -4.65 -17.81 27.22
C VAL B 59 -3.47 -18.08 28.13
N GLN B 60 -3.46 -19.20 28.83
CA GLN B 60 -2.27 -19.55 29.60
C GLN B 60 -1.16 -20.03 28.69
N THR B 61 -0.02 -19.40 28.83
CA THR B 61 1.12 -19.73 27.97
C THR B 61 2.32 -20.28 28.70
N ARG B 62 3.10 -21.06 27.99
CA ARG B 62 4.37 -21.53 28.54
C ARG B 62 5.51 -20.60 28.14
N HIS B 63 6.70 -20.76 28.72
CA HIS B 63 7.83 -19.97 28.25
C HIS B 63 8.49 -20.61 27.03
N VAL B 64 8.49 -19.91 25.91
CA VAL B 64 9.21 -20.36 24.73
C VAL B 64 10.37 -19.41 24.42
N VAL B 65 11.56 -19.95 24.32
CA VAL B 65 12.74 -19.18 23.90
C VAL B 65 12.69 -19.14 22.37
N GLN B 66 12.20 -18.02 21.82
CA GLN B 66 12.09 -17.87 20.38
C GLN B 66 13.37 -17.67 19.58
N ARG B 67 13.54 -18.43 18.52
CA ARG B 67 14.70 -18.29 17.65
C ARG B 67 14.39 -17.85 16.22
N ARG B 68 13.13 -17.88 15.81
CA ARG B 68 12.73 -17.39 14.50
C ARG B 68 13.06 -15.93 14.24
N SER B 69 13.26 -15.50 13.00
CA SER B 69 13.57 -14.10 12.73
C SER B 69 12.93 -13.58 11.45
N ARG B 70 12.83 -12.27 11.31
CA ARG B 70 12.23 -11.66 10.13
C ARG B 70 13.24 -11.20 9.06
N SER B 71 14.37 -11.91 8.99
CA SER B 71 15.46 -11.61 8.06
C SER B 71 15.12 -11.53 6.59
N GLU B 72 14.26 -12.42 6.12
CA GLU B 72 13.88 -12.49 4.72
C GLU B 72 12.72 -11.58 4.31
N SER B 73 12.02 -10.97 5.25
CA SER B 73 10.95 -10.03 4.93
C SER B 73 11.35 -8.56 5.09
N THR B 74 12.65 -8.30 5.21
CA THR B 74 13.20 -6.94 5.22
C THR B 74 12.98 -6.31 3.84
N ILE B 75 12.82 -4.99 3.70
CA ILE B 75 12.56 -4.35 2.40
C ILE B 75 13.54 -4.77 1.29
N GLU B 76 14.83 -4.75 1.63
CA GLU B 76 15.89 -5.21 0.75
C GLU B 76 15.69 -6.64 0.29
N SER B 77 15.45 -7.56 1.22
CA SER B 77 15.24 -8.96 0.90
C SER B 77 14.02 -9.25 0.04
N PHE B 78 12.94 -8.52 0.29
CA PHE B 78 11.71 -8.64 -0.49
C PHE B 78 11.95 -8.27 -1.96
N PHE B 79 12.69 -7.20 -2.21
CA PHE B 79 13.06 -6.78 -3.55
C PHE B 79 14.34 -7.38 -4.13
N ALA B 80 15.15 -8.09 -3.34
CA ALA B 80 16.46 -8.62 -3.75
C ALA B 80 16.49 -9.75 -4.75
N ARG B 81 15.85 -9.50 -5.88
CA ARG B 81 15.66 -10.50 -6.90
C ARG B 81 15.57 -9.74 -8.24
N GLY B 82 16.21 -10.20 -9.29
CA GLY B 82 16.12 -9.56 -10.59
C GLY B 82 14.87 -9.97 -11.37
N ALA B 83 13.97 -9.05 -11.69
CA ALA B 83 12.73 -9.35 -12.39
C ALA B 83 12.60 -8.92 -13.85
N CYS B 84 12.02 -9.74 -14.75
CA CYS B 84 11.87 -9.37 -16.16
C CYS B 84 10.92 -8.18 -16.40
N VAL B 85 11.40 -7.03 -16.87
CA VAL B 85 10.54 -5.89 -17.11
C VAL B 85 10.30 -5.53 -18.58
N ALA B 86 11.06 -6.13 -19.48
CA ALA B 86 10.94 -5.86 -20.90
C ALA B 86 11.59 -6.86 -21.88
N ILE B 87 10.92 -7.14 -22.99
CA ILE B 87 11.49 -7.97 -24.03
C ILE B 87 11.67 -7.15 -25.32
N ILE B 88 12.88 -6.73 -25.65
CA ILE B 88 13.13 -5.95 -26.87
C ILE B 88 13.55 -6.85 -28.01
N GLU B 89 12.87 -6.76 -29.12
CA GLU B 89 13.21 -7.51 -30.33
C GLU B 89 13.89 -6.65 -31.38
N VAL B 90 15.00 -7.12 -31.86
CA VAL B 90 15.77 -6.43 -32.89
C VAL B 90 16.28 -7.40 -33.96
N ASP B 91 16.08 -7.04 -35.22
CA ASP B 91 16.60 -7.84 -36.33
C ASP B 91 17.92 -7.40 -36.95
N ASN B 92 18.61 -8.36 -37.50
CA ASN B 92 19.77 -8.09 -38.32
C ASN B 92 19.60 -8.74 -39.68
N GLU B 93 19.26 -7.88 -40.62
CA GLU B 93 19.04 -8.29 -41.99
C GLU B 93 19.33 -7.21 -43.01
N GLN B 94 19.28 -7.53 -44.29
CA GLN B 94 19.57 -6.56 -45.34
C GLN B 94 18.66 -5.35 -45.34
N PRO B 95 19.17 -4.14 -45.20
CA PRO B 95 18.36 -2.92 -45.14
C PRO B 95 17.52 -2.72 -46.38
N THR B 96 16.27 -3.12 -46.32
CA THR B 96 15.34 -2.85 -47.42
C THR B 96 14.67 -1.48 -47.26
N THR B 97 13.76 -1.07 -48.14
CA THR B 97 13.15 0.27 -48.02
C THR B 97 11.81 0.38 -47.31
N ARG B 98 11.42 -0.63 -46.53
CA ARG B 98 10.17 -0.54 -45.78
C ARG B 98 10.42 -0.66 -44.27
N ALA B 99 9.42 -0.42 -43.40
CA ALA B 99 9.62 -0.53 -41.95
C ALA B 99 10.16 -1.86 -41.49
N GLN B 100 11.32 -1.81 -40.86
CA GLN B 100 12.01 -2.98 -40.35
C GLN B 100 12.36 -2.83 -38.86
N LYS B 101 13.01 -3.83 -38.25
CA LYS B 101 13.49 -3.67 -36.87
C LYS B 101 15.02 -3.76 -36.76
N LEU B 102 15.77 -3.08 -37.63
CA LEU B 102 17.23 -3.10 -37.54
C LEU B 102 17.76 -2.45 -36.26
N PHE B 103 16.87 -1.68 -35.63
CA PHE B 103 17.08 -1.14 -34.30
C PHE B 103 15.73 -0.92 -33.61
N ALA B 104 15.72 -0.94 -32.29
CA ALA B 104 14.52 -0.76 -31.51
C ALA B 104 14.70 0.16 -30.31
N MET B 105 13.65 0.81 -29.81
CA MET B 105 13.79 1.65 -28.63
C MET B 105 12.80 1.30 -27.53
N TRP B 106 13.23 1.30 -26.28
CA TRP B 106 12.35 1.02 -25.15
C TRP B 106 12.35 2.13 -24.12
N ARG B 107 11.20 2.68 -23.75
CA ARG B 107 11.09 3.66 -22.67
C ARG B 107 11.32 2.96 -21.35
N ILE B 108 12.29 3.39 -20.55
CA ILE B 108 12.55 2.69 -19.29
C ILE B 108 11.42 2.84 -18.29
N THR B 109 10.86 1.70 -17.91
CA THR B 109 9.82 1.63 -16.90
C THR B 109 9.67 0.27 -16.23
N TYR B 110 9.09 0.18 -15.03
CA TYR B 110 8.75 -1.14 -14.47
C TYR B 110 7.28 -1.52 -14.78
N LYS B 111 6.58 -0.76 -15.61
CA LYS B 111 5.16 -0.95 -15.91
C LYS B 111 4.68 -1.71 -17.15
N ASP B 112 5.57 -2.28 -17.97
CA ASP B 112 5.16 -3.09 -19.11
C ASP B 112 4.94 -4.57 -18.74
N THR B 113 5.28 -4.82 -17.50
CA THR B 113 5.23 -6.10 -16.84
C THR B 113 4.38 -5.97 -15.56
N VAL B 114 3.80 -7.02 -14.97
CA VAL B 114 3.00 -6.83 -13.78
C VAL B 114 3.61 -7.23 -12.44
N GLN B 115 4.45 -8.26 -12.41
CA GLN B 115 5.01 -8.76 -11.14
C GLN B 115 5.83 -7.82 -10.27
N LEU B 116 6.94 -7.26 -10.76
CA LEU B 116 7.69 -6.27 -9.98
C LEU B 116 6.83 -5.03 -9.73
N ARG B 117 6.03 -4.57 -10.71
CA ARG B 117 5.15 -3.44 -10.50
C ARG B 117 4.27 -3.60 -9.25
N ARG B 118 3.61 -4.74 -9.09
CA ARG B 118 2.78 -5.01 -7.93
C ARG B 118 3.57 -4.99 -6.63
N LYS B 119 4.78 -5.54 -6.61
CA LYS B 119 5.60 -5.51 -5.41
C LYS B 119 6.02 -4.09 -5.03
N LEU B 120 6.51 -3.33 -5.99
CA LEU B 120 6.90 -1.93 -5.76
C LEU B 120 5.77 -1.05 -5.29
N GLU B 121 4.57 -1.38 -5.75
CA GLU B 121 3.40 -0.62 -5.39
C GLU B 121 2.76 -0.89 -4.05
N PHE B 122 3.30 -1.81 -3.21
CA PHE B 122 2.86 -1.87 -1.81
C PHE B 122 3.17 -0.56 -1.06
N PHE B 123 3.97 0.31 -1.71
CA PHE B 123 4.45 1.56 -1.18
C PHE B 123 4.22 2.80 -2.08
N THR B 124 4.02 3.99 -1.49
CA THR B 124 3.81 5.22 -2.28
C THR B 124 5.08 5.82 -2.85
N TYR B 125 6.09 5.93 -2.02
CA TYR B 125 7.38 6.50 -2.42
C TYR B 125 8.53 5.54 -2.24
N SER B 126 9.50 5.56 -3.13
CA SER B 126 10.66 4.68 -2.93
C SER B 126 11.96 5.39 -3.24
N ARG B 127 13.07 4.83 -2.82
CA ARG B 127 14.35 5.42 -3.13
C ARG B 127 15.37 4.29 -3.22
N PHE B 128 16.01 4.14 -4.37
CA PHE B 128 16.96 3.05 -4.60
C PHE B 128 17.91 3.22 -5.77
N ASP B 129 18.98 2.43 -5.73
CA ASP B 129 19.86 2.26 -6.87
C ASP B 129 19.27 1.12 -7.73
N MET B 130 19.53 1.06 -9.03
CA MET B 130 18.93 0.03 -9.86
C MET B 130 19.98 -0.77 -10.59
N GLU B 131 19.81 -2.08 -10.58
CA GLU B 131 20.73 -2.99 -11.26
C GLU B 131 20.07 -3.57 -12.52
N PHE B 132 20.68 -3.38 -13.68
CA PHE B 132 20.16 -3.89 -14.93
C PHE B 132 20.96 -5.03 -15.51
N THR B 133 20.31 -6.18 -15.69
CA THR B 133 20.99 -7.33 -16.28
C THR B 133 20.32 -7.67 -17.60
N PHE B 134 21.13 -7.87 -18.64
CA PHE B 134 20.64 -8.10 -19.98
C PHE B 134 20.84 -9.49 -20.57
N VAL B 135 19.76 -10.27 -20.78
CA VAL B 135 19.90 -11.60 -21.37
C VAL B 135 19.59 -11.56 -22.86
N VAL B 136 20.59 -11.90 -23.68
CA VAL B 136 20.42 -11.82 -25.14
C VAL B 136 20.39 -13.19 -25.85
N THR B 137 19.31 -13.45 -26.52
CA THR B 137 19.14 -14.69 -27.27
C THR B 137 18.84 -14.45 -28.73
N ALA B 138 19.29 -15.31 -29.61
CA ALA B 138 19.02 -15.18 -31.03
C ALA B 138 18.75 -16.48 -31.76
N ASN B 139 18.13 -16.37 -32.91
CA ASN B 139 17.86 -17.50 -33.77
C ASN B 139 17.79 -17.21 -35.26
N PHE B 140 17.80 -18.27 -36.07
CA PHE B 140 17.64 -18.09 -37.50
C PHE B 140 16.18 -18.05 -37.86
N THR B 141 15.80 -17.02 -38.60
CA THR B 141 14.43 -16.84 -39.06
C THR B 141 14.00 -17.83 -40.13
N ASN B 142 14.84 -18.01 -41.13
CA ASN B 142 14.47 -18.81 -42.28
C ASN B 142 15.24 -20.09 -42.48
N ALA B 143 14.52 -21.08 -42.98
CA ALA B 143 15.06 -22.41 -43.27
C ALA B 143 16.50 -22.50 -43.80
N ASN B 144 16.87 -21.64 -44.79
CA ASN B 144 18.25 -21.54 -45.29
C ASN B 144 18.81 -20.57 -46.38
N ASN B 145 19.83 -19.79 -45.98
CA ASN B 145 20.65 -18.94 -46.86
C ASN B 145 22.08 -18.88 -46.31
N GLY B 146 22.81 -19.98 -46.11
CA GLY B 146 24.11 -19.85 -45.45
C GLY B 146 23.98 -19.52 -43.96
N HIS B 147 24.99 -18.93 -43.27
CA HIS B 147 24.90 -18.71 -41.80
C HIS B 147 25.39 -17.36 -41.31
N ALA B 148 25.60 -17.20 -40.00
CA ALA B 148 26.04 -15.95 -39.43
C ALA B 148 27.20 -16.00 -38.44
N LEU B 149 28.17 -15.13 -38.62
CA LEU B 149 29.27 -14.98 -37.68
C LEU B 149 28.76 -14.28 -36.43
N ASN B 150 29.41 -14.46 -35.28
CA ASN B 150 28.92 -13.92 -34.02
C ASN B 150 28.55 -12.45 -33.93
N GLN B 151 27.37 -12.14 -33.42
CA GLN B 151 26.94 -10.76 -33.31
C GLN B 151 27.24 -10.00 -32.03
N VAL B 152 27.64 -8.76 -32.25
CA VAL B 152 27.83 -7.80 -31.18
C VAL B 152 26.64 -6.83 -31.21
N TYR B 153 26.02 -6.65 -30.05
CA TYR B 153 24.87 -5.80 -29.85
C TYR B 153 25.24 -4.51 -29.12
N GLN B 154 24.70 -3.36 -29.53
CA GLN B 154 24.91 -2.11 -28.81
C GLN B 154 23.61 -1.65 -28.17
N ILE B 155 23.67 -1.50 -26.86
CA ILE B 155 22.57 -1.01 -26.05
C ILE B 155 22.93 0.41 -25.59
N MET B 156 22.34 1.42 -26.21
CA MET B 156 22.63 2.80 -25.87
C MET B 156 21.54 3.49 -25.04
N TYR B 157 21.91 4.15 -23.95
CA TYR B 157 20.95 4.91 -23.20
C TYR B 157 20.83 6.35 -23.72
N ILE B 158 19.62 6.73 -24.04
CA ILE B 158 19.34 8.08 -24.51
C ILE B 158 18.49 8.79 -23.47
N PRO B 159 19.12 9.65 -22.64
CA PRO B 159 18.41 10.40 -21.62
C PRO B 159 17.56 11.48 -22.26
N PRO B 160 16.42 11.96 -21.73
CA PRO B 160 15.59 12.96 -22.38
C PRO B 160 16.30 14.22 -22.84
N GLY B 161 16.15 14.54 -24.12
CA GLY B 161 16.84 15.68 -24.72
C GLY B 161 17.80 15.31 -25.81
N ALA B 162 18.47 14.20 -25.61
CA ALA B 162 19.43 13.73 -26.59
C ALA B 162 18.84 13.35 -27.95
N PRO B 163 19.55 13.53 -29.06
CA PRO B 163 19.15 13.00 -30.35
C PRO B 163 18.84 11.51 -30.35
N THR B 164 17.66 11.11 -30.74
CA THR B 164 17.33 9.71 -30.93
C THR B 164 17.72 9.23 -32.31
N PRO B 165 18.06 7.95 -32.52
CA PRO B 165 18.34 7.41 -33.84
C PRO B 165 17.14 7.36 -34.78
N LYS B 166 17.40 7.70 -36.03
CA LYS B 166 16.43 7.51 -37.12
C LYS B 166 16.76 6.27 -37.95
N SER B 167 18.01 5.83 -37.83
CA SER B 167 18.58 4.77 -38.66
C SER B 167 19.46 3.83 -37.84
N TRP B 168 19.60 2.54 -38.14
CA TRP B 168 20.45 1.66 -37.32
C TRP B 168 21.93 2.07 -37.30
N ASP B 169 22.45 2.73 -38.32
CA ASP B 169 23.83 3.18 -38.26
C ASP B 169 24.04 4.68 -38.54
N ASP B 170 23.17 5.53 -38.02
CA ASP B 170 23.37 6.94 -38.17
C ASP B 170 24.34 7.54 -37.12
N TYR B 171 24.59 8.86 -37.10
CA TYR B 171 25.55 9.42 -36.15
C TYR B 171 25.24 9.28 -34.66
N THR B 172 23.98 9.16 -34.24
CA THR B 172 23.69 9.10 -32.80
C THR B 172 24.36 7.91 -32.11
N TRP B 173 24.54 6.81 -32.83
CA TRP B 173 25.20 5.63 -32.29
C TRP B 173 26.68 5.82 -31.97
N GLN B 174 27.27 6.94 -32.39
CA GLN B 174 28.61 7.35 -31.98
C GLN B 174 28.80 7.43 -30.48
N THR B 175 27.68 7.65 -29.78
CA THR B 175 27.54 7.64 -28.32
C THR B 175 28.61 8.33 -27.50
N SER B 176 29.07 9.51 -27.94
CA SER B 176 30.16 10.21 -27.24
C SER B 176 29.98 10.63 -25.79
N SER B 177 28.74 10.86 -25.43
CA SER B 177 28.42 11.25 -24.07
C SER B 177 27.35 10.38 -23.44
N ASN B 178 26.52 9.74 -24.25
CA ASN B 178 25.53 8.79 -23.75
C ASN B 178 26.23 7.52 -23.30
N PRO B 179 25.79 6.82 -22.24
CA PRO B 179 26.37 5.53 -21.91
C PRO B 179 25.89 4.47 -22.88
N SER B 180 26.80 3.65 -23.38
CA SER B 180 26.46 2.47 -24.18
C SER B 180 27.08 1.17 -23.69
N ILE B 181 26.38 0.05 -23.82
CA ILE B 181 26.97 -1.26 -23.59
C ILE B 181 27.14 -2.00 -24.91
N PHE B 182 28.36 -2.48 -25.15
CA PHE B 182 28.61 -3.38 -26.25
C PHE B 182 28.69 -4.81 -25.73
N TYR B 183 27.69 -5.56 -26.13
CA TYR B 183 27.56 -6.93 -25.73
C TYR B 183 27.88 -7.93 -26.85
N THR B 184 28.70 -8.94 -26.54
CA THR B 184 29.03 -10.00 -27.49
C THR B 184 28.18 -11.24 -27.26
N TYR B 185 27.51 -11.77 -28.27
CA TYR B 185 26.65 -12.95 -28.15
C TYR B 185 27.35 -14.14 -27.51
N GLY B 186 26.74 -14.80 -26.54
CA GLY B 186 27.35 -15.97 -25.92
C GLY B 186 28.13 -15.63 -24.67
N ALA B 187 28.53 -14.37 -24.52
CA ALA B 187 29.18 -13.94 -23.31
C ALA B 187 28.21 -13.92 -22.14
N ALA B 188 28.69 -13.94 -20.87
CA ALA B 188 27.80 -13.83 -19.71
C ALA B 188 26.82 -12.67 -19.82
N PRO B 189 25.56 -12.74 -19.36
CA PRO B 189 24.63 -11.62 -19.48
C PRO B 189 25.17 -10.31 -18.98
N ALA B 190 25.03 -9.28 -19.80
CA ALA B 190 25.56 -7.95 -19.48
C ALA B 190 24.97 -7.32 -18.23
N ARG B 191 25.73 -6.63 -17.42
CA ARG B 191 25.21 -6.03 -16.21
C ARG B 191 25.79 -4.67 -15.84
N ILE B 192 24.91 -3.70 -15.67
CA ILE B 192 25.32 -2.38 -15.20
C ILE B 192 24.50 -1.93 -14.00
N SER B 193 25.03 -0.91 -13.33
CA SER B 193 24.38 -0.27 -12.20
C SER B 193 24.09 1.20 -12.39
N VAL B 194 22.93 1.63 -11.92
CA VAL B 194 22.45 3.00 -12.04
C VAL B 194 22.16 3.61 -10.66
N PRO B 195 22.60 4.85 -10.38
CA PRO B 195 22.33 5.55 -9.13
C PRO B 195 20.88 5.94 -8.92
N TYR B 196 20.49 6.51 -7.76
CA TYR B 196 19.13 7.06 -7.62
C TYR B 196 19.06 8.30 -8.51
N VAL B 197 18.29 8.29 -9.59
CA VAL B 197 18.32 9.42 -10.53
C VAL B 197 17.12 10.35 -10.61
N GLY B 198 16.23 10.26 -9.63
CA GLY B 198 15.03 11.07 -9.60
C GLY B 198 15.17 12.59 -9.41
N LEU B 199 14.28 13.36 -10.02
CA LEU B 199 14.20 14.82 -9.85
C LEU B 199 13.68 15.23 -8.46
N ALA B 200 13.05 14.29 -7.77
CA ALA B 200 12.56 14.54 -6.41
C ALA B 200 13.40 13.82 -5.36
N ASN B 201 13.06 13.88 -4.09
CA ASN B 201 13.83 13.20 -3.06
C ASN B 201 13.51 11.71 -2.95
N ALA B 202 12.47 11.34 -3.69
CA ALA B 202 11.98 9.96 -3.77
C ALA B 202 11.24 9.74 -5.08
N TYR B 203 11.22 8.51 -5.56
CA TYR B 203 10.42 8.15 -6.72
C TYR B 203 8.95 8.05 -6.31
N SER B 204 8.04 8.67 -7.05
CA SER B 204 6.62 8.55 -6.76
C SER B 204 6.01 7.41 -7.51
N HIS B 205 5.60 6.36 -6.79
CA HIS B 205 4.91 5.25 -7.44
C HIS B 205 3.47 5.64 -7.82
N PHE B 206 2.99 6.71 -7.20
CA PHE B 206 1.67 7.30 -7.42
C PHE B 206 1.74 8.83 -7.38
N TYR B 207 1.12 9.51 -8.32
CA TYR B 207 1.11 10.97 -8.38
C TYR B 207 -0.29 11.49 -8.60
N ASP B 208 -0.98 11.89 -7.54
CA ASP B 208 -2.32 12.44 -7.68
C ASP B 208 -2.33 13.88 -8.19
N GLY B 209 -2.05 14.02 -9.49
CA GLY B 209 -2.03 15.32 -10.10
C GLY B 209 -1.80 15.37 -11.61
N PHE B 210 -1.48 16.59 -12.02
CA PHE B 210 -1.26 16.94 -13.41
C PHE B 210 0.07 17.67 -13.66
N ALA B 211 0.57 17.62 -14.89
CA ALA B 211 1.74 18.39 -15.29
C ALA B 211 1.36 19.78 -15.79
N LYS B 212 0.09 20.01 -16.09
CA LYS B 212 -0.41 21.32 -16.52
C LYS B 212 -1.78 21.66 -15.94
N VAL B 213 -1.98 22.92 -15.60
CA VAL B 213 -3.28 23.40 -15.16
C VAL B 213 -3.92 24.20 -16.29
N PRO B 214 -5.19 23.95 -16.65
CA PRO B 214 -5.93 24.79 -17.58
C PRO B 214 -6.26 26.14 -16.97
N LEU B 215 -5.86 27.23 -17.58
CA LEU B 215 -6.21 28.56 -17.07
C LEU B 215 -7.37 29.22 -17.78
N LYS B 216 -8.19 30.03 -17.12
CA LYS B 216 -9.29 30.78 -17.77
C LYS B 216 -8.95 31.61 -19.01
N THR B 217 -7.74 32.12 -19.05
CA THR B 217 -7.25 32.94 -20.14
C THR B 217 -6.66 32.18 -21.31
N ASP B 218 -6.69 30.86 -21.28
CA ASP B 218 -6.12 30.07 -22.37
C ASP B 218 -6.86 30.13 -23.69
N ALA B 219 -6.12 30.16 -24.79
CA ALA B 219 -6.69 30.26 -26.13
C ALA B 219 -7.57 29.08 -26.52
N ASN B 220 -7.01 27.95 -26.90
CA ASN B 220 -7.81 26.73 -27.01
C ASN B 220 -7.83 26.09 -25.65
N ASP B 221 -8.76 25.20 -25.34
CA ASP B 221 -8.58 24.47 -24.10
C ASP B 221 -7.80 23.16 -24.22
N GLN B 222 -6.97 23.06 -25.24
CA GLN B 222 -6.01 21.97 -25.39
C GLN B 222 -4.70 22.35 -24.72
N ILE B 223 -4.32 23.64 -24.73
CA ILE B 223 -3.09 24.16 -24.12
C ILE B 223 -2.78 23.62 -22.71
N GLY B 224 -3.80 23.66 -21.89
CA GLY B 224 -3.68 23.26 -20.49
C GLY B 224 -4.01 21.82 -20.17
N ASP B 225 -4.28 21.01 -21.18
CA ASP B 225 -4.61 19.62 -20.97
C ASP B 225 -3.38 18.73 -20.75
N SER B 226 -3.56 17.75 -19.88
CA SER B 226 -2.52 16.81 -19.43
C SER B 226 -3.10 15.46 -19.13
N LEU B 227 -2.25 14.45 -19.12
CA LEU B 227 -2.69 13.14 -18.65
C LEU B 227 -2.78 13.08 -17.13
N TYR B 228 -3.87 12.59 -16.57
CA TYR B 228 -3.99 12.42 -15.11
C TYR B 228 -2.97 11.43 -14.56
N SER B 229 -2.31 11.75 -13.45
CA SER B 229 -1.28 10.91 -12.82
C SER B 229 0.10 11.00 -13.49
N ALA B 230 0.22 11.50 -14.70
CA ALA B 230 1.51 11.62 -15.33
C ALA B 230 2.34 12.85 -14.96
N MET B 231 3.64 12.66 -14.80
CA MET B 231 4.54 13.77 -14.45
C MET B 231 5.29 14.34 -15.67
N THR B 232 6.54 13.98 -15.92
CA THR B 232 7.24 14.41 -17.14
C THR B 232 6.83 13.55 -18.33
N VAL B 233 6.95 14.03 -19.56
CA VAL B 233 6.60 13.25 -20.74
C VAL B 233 7.52 12.06 -20.97
N ASP B 234 8.82 12.21 -20.88
CA ASP B 234 9.73 11.10 -21.10
C ASP B 234 10.25 10.37 -19.89
N ASP B 235 9.78 10.72 -18.70
CA ASP B 235 10.20 10.12 -17.43
C ASP B 235 11.72 9.97 -17.25
N PHE B 236 12.33 8.89 -17.72
CA PHE B 236 13.76 8.62 -17.57
C PHE B 236 14.47 8.31 -18.87
N GLY B 237 13.88 8.60 -20.04
CA GLY B 237 14.51 8.31 -21.31
C GLY B 237 14.29 6.91 -21.87
N VAL B 238 15.12 6.55 -22.86
CA VAL B 238 15.01 5.27 -23.55
C VAL B 238 16.29 4.49 -23.72
N LEU B 239 16.12 3.19 -23.94
CA LEU B 239 17.23 2.33 -24.34
C LEU B 239 17.11 2.02 -25.82
N ALA B 240 18.09 2.42 -26.61
CA ALA B 240 18.12 2.10 -28.04
C ALA B 240 18.99 0.88 -28.26
N VAL B 241 18.43 -0.15 -28.90
CA VAL B 241 19.14 -1.40 -29.13
C VAL B 241 19.35 -1.68 -30.62
N ARG B 242 20.56 -2.12 -30.95
CA ARG B 242 20.87 -2.55 -32.33
C ARG B 242 21.96 -3.62 -32.45
N VAL B 243 22.02 -4.29 -33.59
CA VAL B 243 23.06 -5.24 -33.87
C VAL B 243 24.15 -4.45 -34.60
N VAL B 244 25.38 -4.38 -34.12
CA VAL B 244 26.42 -3.58 -34.74
C VAL B 244 26.93 -4.23 -36.04
N ASN B 245 26.83 -5.55 -36.12
CA ASN B 245 27.18 -6.29 -37.34
C ASN B 245 26.45 -5.84 -38.59
N ASP B 246 27.16 -5.82 -39.71
CA ASP B 246 26.49 -5.61 -40.99
C ASP B 246 25.74 -6.89 -41.28
N HIS B 247 24.70 -6.79 -42.06
CA HIS B 247 23.87 -7.96 -42.33
C HIS B 247 24.47 -9.16 -43.05
N ASN B 248 24.25 -10.34 -42.50
CA ASN B 248 24.53 -11.57 -43.21
C ASN B 248 23.58 -11.78 -44.41
N PRO B 249 23.82 -12.71 -45.32
CA PRO B 249 22.91 -13.02 -46.44
C PRO B 249 21.57 -13.59 -45.95
N THR B 250 21.66 -14.24 -44.81
CA THR B 250 20.54 -14.81 -44.08
C THR B 250 20.19 -13.98 -42.86
N LYS B 251 18.93 -14.00 -42.48
CA LYS B 251 18.43 -13.20 -41.40
C LYS B 251 18.49 -13.78 -39.99
N VAL B 252 18.98 -12.94 -39.07
CA VAL B 252 19.00 -13.33 -37.65
C VAL B 252 18.06 -12.45 -36.83
N THR B 253 17.22 -13.09 -36.04
CA THR B 253 16.31 -12.34 -35.15
C THR B 253 16.78 -12.49 -33.71
N SER B 254 16.86 -11.39 -32.98
CA SER B 254 17.30 -11.44 -31.59
C SER B 254 16.36 -10.80 -30.61
N LYS B 255 16.31 -11.35 -29.40
CA LYS B 255 15.59 -10.73 -28.31
C LYS B 255 16.48 -10.38 -27.12
N VAL B 256 16.41 -9.14 -26.69
CA VAL B 256 17.10 -8.65 -25.50
C VAL B 256 16.12 -8.58 -24.35
N ARG B 257 16.27 -9.48 -23.41
CA ARG B 257 15.46 -9.49 -22.19
C ARG B 257 16.10 -8.71 -21.04
N ILE B 258 15.34 -7.76 -20.51
CA ILE B 258 15.84 -6.88 -19.45
C ILE B 258 15.35 -7.16 -18.01
N TYR B 259 16.28 -7.54 -17.15
CA TYR B 259 16.00 -7.80 -15.75
C TYR B 259 16.39 -6.63 -14.88
N MET B 260 15.44 -6.22 -14.07
CA MET B 260 15.57 -5.07 -13.18
C MET B 260 15.67 -5.49 -11.72
N LYS B 261 16.64 -4.96 -10.95
CA LYS B 261 16.68 -5.23 -9.51
C LYS B 261 16.91 -3.98 -8.72
N PRO B 262 15.98 -3.54 -7.85
CA PRO B 262 16.23 -2.39 -7.01
C PRO B 262 17.20 -2.76 -5.91
N LYS B 263 18.28 -2.04 -5.65
CA LYS B 263 19.12 -2.31 -4.50
C LYS B 263 19.42 -1.08 -3.68
N HIS B 264 19.80 -1.30 -2.42
CA HIS B 264 19.99 -0.25 -1.39
C HIS B 264 18.68 0.58 -1.26
N VAL B 265 17.60 -0.17 -1.15
CA VAL B 265 16.20 0.30 -1.16
C VAL B 265 15.61 0.85 0.13
N ARG B 266 14.89 1.95 0.01
CA ARG B 266 14.07 2.51 1.09
C ARG B 266 12.66 2.81 0.56
N VAL B 267 11.62 2.52 1.35
CA VAL B 267 10.23 2.76 0.94
C VAL B 267 9.36 3.43 1.99
N TRP B 268 8.46 4.28 1.51
CA TRP B 268 7.55 5.05 2.37
C TRP B 268 6.07 4.91 2.04
N CYS B 269 5.24 5.12 3.05
CA CYS B 269 3.77 5.12 3.00
C CYS B 269 3.10 3.91 2.34
N PRO B 270 2.86 2.83 3.08
CA PRO B 270 2.33 1.59 2.54
C PRO B 270 0.95 1.76 1.93
N ARG B 271 0.63 0.91 0.99
CA ARG B 271 -0.62 0.97 0.23
C ARG B 271 -1.17 -0.47 0.08
N PRO B 272 -2.49 -0.63 -0.05
CA PRO B 272 -3.06 -1.92 -0.35
C PRO B 272 -2.62 -2.45 -1.69
N PRO B 273 -2.29 -3.75 -1.83
CA PRO B 273 -1.85 -4.34 -3.08
C PRO B 273 -2.91 -4.24 -4.19
N ARG B 274 -2.50 -4.21 -5.46
CA ARG B 274 -3.42 -4.26 -6.57
C ARG B 274 -4.27 -5.53 -6.52
N ALA B 275 -5.60 -5.39 -6.50
CA ALA B 275 -6.51 -6.53 -6.42
C ALA B 275 -7.19 -6.94 -7.72
N VAL B 276 -7.12 -6.11 -8.73
CA VAL B 276 -7.73 -6.39 -10.02
C VAL B 276 -6.71 -6.17 -11.16
N PRO B 277 -6.78 -6.79 -12.35
CA PRO B 277 -5.77 -6.59 -13.36
C PRO B 277 -5.50 -5.16 -13.79
N TYR B 278 -4.22 -4.84 -13.89
CA TYR B 278 -3.77 -3.53 -14.34
C TYR B 278 -4.32 -3.15 -15.72
N TYR B 279 -4.69 -1.91 -15.92
CA TYR B 279 -5.14 -1.45 -17.23
C TYR B 279 -4.42 -0.16 -17.57
N GLY B 280 -3.18 -0.37 -17.98
CA GLY B 280 -2.29 0.72 -18.38
C GLY B 280 -1.38 1.24 -17.28
N PRO B 281 -0.74 2.41 -17.45
CA PRO B 281 0.23 2.95 -16.48
C PRO B 281 -0.42 3.57 -15.26
N GLY B 282 -1.67 4.04 -15.37
CA GLY B 282 -2.37 4.65 -14.23
C GLY B 282 -3.01 3.64 -13.28
N VAL B 283 -3.86 4.06 -12.38
CA VAL B 283 -4.56 3.12 -11.50
C VAL B 283 -5.83 2.56 -12.10
N ASP B 284 -6.10 2.89 -13.37
CA ASP B 284 -7.32 2.47 -14.02
C ASP B 284 -7.57 0.98 -14.10
N TYR B 285 -8.85 0.67 -13.90
CA TYR B 285 -9.34 -0.68 -14.04
C TYR B 285 -10.38 -0.75 -15.13
N ARG B 286 -10.52 -1.93 -15.71
CA ARG B 286 -11.50 -2.15 -16.74
C ARG B 286 -12.33 -3.39 -16.50
N ASN B 287 -11.77 -4.58 -16.50
CA ASN B 287 -12.53 -5.75 -16.16
C ASN B 287 -11.83 -6.83 -15.32
N ASN B 288 -12.54 -7.89 -14.97
CA ASN B 288 -12.17 -8.85 -13.94
C ASN B 288 -12.14 -8.19 -12.57
N LEU B 289 -13.16 -7.35 -12.35
CA LEU B 289 -13.33 -6.60 -11.10
C LEU B 289 -13.91 -7.44 -9.95
N ASP B 290 -13.88 -8.76 -10.10
CA ASP B 290 -14.45 -9.68 -9.13
C ASP B 290 -13.43 -10.63 -8.46
N PRO B 291 -12.44 -10.13 -7.70
CA PRO B 291 -11.30 -10.91 -7.23
C PRO B 291 -11.61 -12.13 -6.37
N LEU B 292 -12.62 -11.99 -5.53
CA LEU B 292 -12.95 -12.97 -4.54
C LEU B 292 -13.87 -14.12 -4.87
N SER B 293 -13.43 -15.31 -4.48
CA SER B 293 -14.23 -16.52 -4.59
C SER B 293 -15.48 -16.59 -3.74
N GLU B 294 -16.41 -17.42 -4.19
CA GLU B 294 -17.59 -17.74 -3.41
C GLU B 294 -17.29 -18.77 -2.34
N LYS B 295 -17.72 -18.49 -1.13
CA LYS B 295 -17.57 -19.40 0.00
C LYS B 295 -18.71 -19.18 1.02
N GLY B 296 -19.27 -20.26 1.56
CA GLY B 296 -20.37 -20.13 2.50
C GLY B 296 -19.99 -19.49 3.80
N LEU B 297 -20.82 -18.62 4.39
CA LEU B 297 -20.51 -17.98 5.67
C LEU B 297 -20.13 -18.91 6.83
N THR B 298 -20.82 -20.03 6.95
CA THR B 298 -20.53 -21.04 7.95
C THR B 298 -19.84 -22.28 7.40
N THR B 299 -19.01 -22.13 6.39
CA THR B 299 -18.27 -23.24 5.79
C THR B 299 -16.76 -23.06 5.98
N TYR B 300 -16.13 -24.07 6.58
CA TYR B 300 -14.69 -24.08 6.78
C TYR B 300 -13.89 -24.15 5.48
N ALA C 6 -5.87 12.95 36.33
CA ALA C 6 -6.77 13.26 37.44
C ALA C 6 -7.93 14.24 37.15
N CYS C 7 -8.54 14.93 38.13
CA CYS C 7 -9.74 15.80 37.97
C CYS C 7 -11.00 15.28 37.27
N GLY C 8 -10.98 14.77 36.03
CA GLY C 8 -12.15 14.20 35.35
C GLY C 8 -12.00 14.08 33.81
N TYR C 9 -10.78 14.21 33.28
CA TYR C 9 -10.51 14.24 31.85
C TYR C 9 -10.72 12.94 31.07
N SER C 10 -10.91 13.01 29.76
CA SER C 10 -11.26 11.84 28.96
C SER C 10 -10.84 11.85 27.50
N ASP C 11 -10.67 10.63 27.02
CA ASP C 11 -10.35 10.28 25.64
C ASP C 11 -11.37 10.74 24.60
N ARG C 12 -12.60 10.78 25.13
CA ARG C 12 -13.84 11.08 24.46
C ARG C 12 -14.22 12.55 24.37
N VAL C 13 -13.61 13.39 25.19
CA VAL C 13 -13.96 14.78 25.24
C VAL C 13 -12.78 15.68 24.88
N LEU C 14 -12.85 16.33 23.75
CA LEU C 14 -11.76 17.17 23.27
C LEU C 14 -12.19 18.54 22.78
N GLN C 15 -11.25 19.46 22.94
CA GLN C 15 -11.37 20.78 22.38
C GLN C 15 -10.20 21.04 21.45
N LEU C 16 -10.46 21.42 20.21
CA LEU C 16 -9.37 21.75 19.29
C LEU C 16 -9.42 23.25 19.00
N THR C 17 -8.37 24.00 19.29
CA THR C 17 -8.36 25.43 18.98
C THR C 17 -7.26 25.81 18.01
N LEU C 18 -7.65 26.37 16.88
CA LEU C 18 -6.72 26.89 15.88
C LEU C 18 -7.15 28.26 15.37
N GLY C 19 -6.31 29.29 15.48
CA GLY C 19 -6.66 30.64 15.04
C GLY C 19 -7.86 31.20 15.79
N ASN C 20 -8.89 31.76 15.12
CA ASN C 20 -10.07 32.24 15.84
C ASN C 20 -11.17 31.18 15.89
N SER C 21 -10.78 29.91 15.73
CA SER C 21 -11.76 28.83 15.70
C SER C 21 -11.54 27.70 16.69
N THR C 22 -12.64 27.34 17.34
CA THR C 22 -12.64 26.27 18.33
C THR C 22 -13.71 25.20 18.10
N ILE C 23 -13.30 23.92 18.18
CA ILE C 23 -14.20 22.79 18.05
C ILE C 23 -14.33 22.00 19.37
N THR C 24 -15.53 21.67 19.79
CA THR C 24 -15.70 20.80 20.94
C THR C 24 -16.31 19.48 20.51
N THR C 25 -15.93 18.41 21.19
CA THR C 25 -16.53 17.12 20.99
C THR C 25 -16.61 16.37 22.30
N GLN C 26 -17.79 15.89 22.63
CA GLN C 26 -18.04 15.14 23.87
C GLN C 26 -18.12 13.62 23.68
N GLU C 27 -18.03 13.17 22.44
CA GLU C 27 -18.07 11.75 22.08
C GLU C 27 -17.02 11.31 21.04
N ALA C 28 -15.75 11.68 21.25
CA ALA C 28 -14.65 11.25 20.40
C ALA C 28 -14.06 9.85 20.63
N ALA C 29 -13.26 9.31 19.72
CA ALA C 29 -12.55 8.03 20.01
C ALA C 29 -11.05 8.29 19.94
N ASN C 30 -10.55 9.05 20.92
CA ASN C 30 -9.15 9.51 20.94
C ASN C 30 -8.88 10.34 19.67
N SER C 31 -7.67 10.44 19.12
CA SER C 31 -7.45 11.10 17.85
C SER C 31 -6.17 10.58 17.19
N VAL C 32 -6.13 10.58 15.85
CA VAL C 32 -4.99 10.03 15.12
C VAL C 32 -4.04 11.08 14.59
N VAL C 33 -2.74 10.82 14.68
CA VAL C 33 -1.69 11.64 14.08
C VAL C 33 -1.06 10.76 13.00
N ALA C 34 -1.33 11.04 11.74
CA ALA C 34 -0.86 10.20 10.65
C ALA C 34 0.64 9.91 10.64
N TYR C 35 0.94 8.61 10.65
CA TYR C 35 2.32 8.09 10.66
C TYR C 35 3.13 8.58 11.85
N GLY C 36 2.46 8.89 12.95
CA GLY C 36 3.10 9.42 14.14
C GLY C 36 3.76 10.79 13.98
N ARG C 37 3.50 11.52 12.90
CA ARG C 37 4.14 12.78 12.64
C ARG C 37 3.26 14.05 12.67
N TRP C 38 3.58 14.95 13.59
CA TRP C 38 2.86 16.23 13.68
C TRP C 38 3.30 17.13 12.53
N PRO C 39 2.46 17.99 11.94
CA PRO C 39 2.90 18.98 10.96
C PRO C 39 4.04 19.89 11.37
N GLU C 40 4.91 20.20 10.43
CA GLU C 40 5.99 21.10 10.67
C GLU C 40 6.47 21.88 9.46
N PHE C 41 7.13 23.01 9.67
CA PHE C 41 7.69 23.81 8.60
C PHE C 41 8.98 23.23 7.96
N ILE C 42 9.31 23.64 6.74
CA ILE C 42 10.51 23.19 6.06
C ILE C 42 11.80 23.66 6.75
N ARG C 43 12.55 22.70 7.23
CA ARG C 43 13.88 22.93 7.76
C ARG C 43 14.91 23.45 6.76
N ASP C 44 15.81 24.35 7.14
CA ASP C 44 16.87 24.87 6.28
C ASP C 44 17.68 23.89 5.47
N ASP C 45 17.90 22.74 6.07
CA ASP C 45 18.64 21.63 5.47
C ASP C 45 17.83 20.67 4.62
N GLU C 46 16.54 20.96 4.47
CA GLU C 46 15.63 20.27 3.55
C GLU C 46 14.96 21.26 2.57
N ALA C 47 15.31 22.52 2.68
CA ALA C 47 14.83 23.56 1.82
C ALA C 47 15.31 23.49 0.38
N ASN C 48 14.48 23.89 -0.57
CA ASN C 48 14.88 23.94 -1.96
C ASN C 48 14.61 25.33 -2.63
N PRO C 49 13.43 25.95 -2.76
CA PRO C 49 13.28 27.31 -3.25
C PRO C 49 14.01 28.35 -2.39
N VAL C 50 14.95 29.16 -2.88
CA VAL C 50 15.71 30.09 -2.04
C VAL C 50 15.03 31.37 -1.57
N ASP C 51 13.90 31.77 -2.18
CA ASP C 51 13.20 32.98 -1.79
C ASP C 51 12.50 32.86 -0.45
N GLN C 52 12.54 33.92 0.35
CA GLN C 52 11.89 33.97 1.64
C GLN C 52 10.39 33.61 1.61
N PRO C 53 9.98 32.58 2.37
CA PRO C 53 8.60 32.15 2.42
C PRO C 53 7.60 33.12 3.06
N THR C 54 6.35 32.94 2.69
CA THR C 54 5.25 33.62 3.36
C THR C 54 4.64 32.60 4.28
N GLU C 55 4.47 32.95 5.54
CA GLU C 55 3.76 32.11 6.50
C GLU C 55 2.56 32.88 7.03
N PRO C 56 1.37 32.80 6.42
CA PRO C 56 0.19 33.57 6.84
C PRO C 56 -0.36 33.26 8.25
N ASP C 57 0.04 32.12 8.82
CA ASP C 57 -0.31 31.72 10.17
C ASP C 57 -1.79 31.74 10.56
N VAL C 58 -2.29 32.48 11.55
CA VAL C 58 -3.71 32.45 11.94
C VAL C 58 -4.72 32.71 10.82
N ALA C 59 -4.41 33.57 9.85
CA ALA C 59 -5.30 33.88 8.73
C ALA C 59 -5.63 32.69 7.84
N THR C 60 -4.73 31.72 7.78
CA THR C 60 -4.94 30.53 6.99
C THR C 60 -5.03 29.23 7.78
N CYS C 61 -4.53 29.20 9.01
CA CYS C 61 -4.52 27.97 9.82
C CYS C 61 -5.53 28.01 10.94
N ARG C 62 -6.74 27.84 10.43
CA ARG C 62 -8.00 27.87 11.18
C ARG C 62 -8.98 26.89 10.56
N PHE C 63 -10.09 26.56 11.19
CA PHE C 63 -11.01 25.59 10.66
C PHE C 63 -12.05 26.08 9.66
N TYR C 64 -11.87 25.66 8.42
CA TYR C 64 -12.89 25.91 7.40
C TYR C 64 -13.88 24.75 7.34
N THR C 65 -15.16 25.02 7.42
CA THR C 65 -16.20 23.98 7.35
C THR C 65 -16.79 23.87 5.96
N LEU C 66 -16.67 22.68 5.37
CA LEU C 66 -17.21 22.46 4.03
C LEU C 66 -18.72 22.29 3.98
N ASP C 67 -19.34 22.33 2.81
CA ASP C 67 -20.77 22.05 2.69
C ASP C 67 -21.16 20.70 3.24
N THR C 68 -22.27 20.62 3.97
CA THR C 68 -22.72 19.36 4.54
C THR C 68 -23.23 18.32 3.54
N VAL C 69 -22.91 17.05 3.74
CA VAL C 69 -23.46 16.01 2.90
C VAL C 69 -24.43 15.13 3.70
N MET C 70 -25.52 14.63 3.14
CA MET C 70 -26.40 13.72 3.90
C MET C 70 -26.11 12.24 3.68
N TRP C 71 -26.03 11.50 4.77
CA TRP C 71 -25.89 10.06 4.73
C TRP C 71 -27.26 9.40 4.87
N GLY C 72 -27.66 8.67 3.86
CA GLY C 72 -28.90 7.93 3.86
C GLY C 72 -28.67 6.45 3.56
N LYS C 73 -29.69 5.59 3.59
CA LYS C 73 -29.49 4.17 3.33
C LYS C 73 -28.87 3.74 2.02
N GLU C 74 -28.94 4.55 0.97
CA GLU C 74 -28.30 4.20 -0.31
C GLU C 74 -26.94 4.87 -0.52
N SER C 75 -26.46 5.65 0.45
CA SER C 75 -25.21 6.36 0.31
C SER C 75 -23.99 5.45 0.17
N LYS C 76 -23.33 5.51 -0.96
CA LYS C 76 -22.15 4.69 -1.24
C LYS C 76 -20.82 5.20 -0.77
N GLY C 77 -20.68 6.51 -0.60
CA GLY C 77 -19.44 7.06 -0.09
C GLY C 77 -19.05 8.38 -0.69
N TRP C 78 -18.20 9.09 0.00
CA TRP C 78 -17.79 10.44 -0.40
C TRP C 78 -16.25 10.57 -0.44
N TRP C 79 -15.71 11.35 -1.36
CA TRP C 79 -14.28 11.63 -1.33
C TRP C 79 -13.94 13.10 -1.55
N TRP C 80 -12.82 13.51 -0.96
CA TRP C 80 -12.29 14.86 -1.12
C TRP C 80 -10.80 14.82 -1.37
N LYS C 81 -10.22 15.85 -1.95
CA LYS C 81 -8.77 15.91 -2.12
C LYS C 81 -8.21 17.17 -1.46
N LEU C 82 -6.99 17.15 -0.96
CA LEU C 82 -6.37 18.32 -0.35
C LEU C 82 -5.06 18.66 -1.05
N PRO C 83 -4.73 19.94 -1.33
CA PRO C 83 -5.52 21.11 -0.99
C PRO C 83 -6.81 21.46 -1.74
N ASP C 84 -7.20 20.75 -2.79
CA ASP C 84 -8.40 21.07 -3.54
C ASP C 84 -9.69 21.45 -2.83
N ALA C 85 -10.17 20.71 -1.82
CA ALA C 85 -11.39 21.08 -1.10
C ALA C 85 -11.35 22.46 -0.49
N LEU C 86 -10.14 22.98 -0.23
CA LEU C 86 -9.99 24.32 0.33
C LEU C 86 -9.55 25.43 -0.63
N ARG C 87 -9.52 25.20 -1.96
CA ARG C 87 -9.13 26.24 -2.93
C ARG C 87 -9.83 27.60 -2.87
N ASP C 88 -11.09 27.58 -2.44
CA ASP C 88 -11.92 28.77 -2.28
C ASP C 88 -12.15 29.18 -0.84
N MET C 89 -11.35 28.69 0.08
CA MET C 89 -11.51 29.01 1.49
C MET C 89 -10.68 30.19 2.01
N GLY C 90 -11.32 31.34 2.04
CA GLY C 90 -10.75 32.58 2.57
C GLY C 90 -9.34 32.95 2.08
N LEU C 91 -8.50 33.41 2.99
CA LEU C 91 -7.14 33.75 2.63
C LEU C 91 -6.27 32.53 2.33
N PHE C 92 -6.67 31.30 2.73
CA PHE C 92 -5.89 30.11 2.39
C PHE C 92 -5.88 29.93 0.87
N GLY C 93 -7.08 29.90 0.29
CA GLY C 93 -7.20 29.81 -1.15
C GLY C 93 -6.45 30.94 -1.88
N GLN C 94 -6.56 32.17 -1.38
CA GLN C 94 -5.82 33.29 -1.97
C GLN C 94 -4.30 33.09 -2.01
N ASN C 95 -3.73 32.66 -0.87
CA ASN C 95 -2.33 32.33 -0.81
C ASN C 95 -1.92 31.19 -1.73
N MET C 96 -2.79 30.19 -1.81
CA MET C 96 -2.59 29.04 -2.69
C MET C 96 -2.50 29.45 -4.16
N TYR C 97 -3.37 30.32 -4.60
CA TYR C 97 -3.34 30.79 -5.96
C TYR C 97 -2.40 31.92 -6.31
N TYR C 98 -1.89 32.68 -5.34
CA TYR C 98 -0.89 33.70 -5.65
C TYR C 98 0.57 33.24 -5.72
N HIS C 99 0.83 32.01 -5.31
CA HIS C 99 2.17 31.48 -5.26
C HIS C 99 2.33 30.22 -6.13
N TYR C 100 3.47 30.03 -6.77
CA TYR C 100 3.77 28.79 -7.47
C TYR C 100 3.83 27.59 -6.52
N LEU C 101 4.38 27.82 -5.33
CA LEU C 101 4.59 26.77 -4.36
C LEU C 101 3.90 26.97 -3.02
N GLY C 102 3.46 25.87 -2.41
CA GLY C 102 2.85 25.93 -1.09
C GLY C 102 2.84 24.59 -0.37
N ARG C 103 3.24 24.50 0.90
CA ARG C 103 3.05 23.26 1.64
C ARG C 103 2.18 23.55 2.85
N SER C 104 1.49 22.52 3.30
CA SER C 104 0.57 22.61 4.43
C SER C 104 0.17 21.25 4.98
N GLY C 105 0.12 21.13 6.29
CA GLY C 105 -0.42 19.97 6.94
C GLY C 105 -1.89 20.26 7.25
N TYR C 106 -2.66 19.35 7.86
CA TYR C 106 -4.07 19.61 8.10
C TYR C 106 -4.62 18.97 9.36
N THR C 107 -5.53 19.58 10.11
CA THR C 107 -6.29 18.80 11.08
C THR C 107 -7.67 18.56 10.43
N VAL C 108 -8.00 17.31 10.15
CA VAL C 108 -9.31 16.96 9.61
C VAL C 108 -10.23 16.52 10.73
N HIS C 109 -11.41 17.13 10.84
CA HIS C 109 -12.39 16.75 11.83
C HIS C 109 -13.74 16.36 11.20
N VAL C 110 -14.08 15.07 11.13
CA VAL C 110 -15.37 14.67 10.57
C VAL C 110 -16.46 14.54 11.64
N GLN C 111 -17.62 15.12 11.39
CA GLN C 111 -18.76 15.19 12.30
C GLN C 111 -20.01 14.47 11.86
N CYS C 112 -20.49 13.52 12.64
CA CYS C 112 -21.72 12.78 12.38
C CYS C 112 -22.36 12.21 13.64
N ASN C 113 -23.31 12.92 14.21
CA ASN C 113 -24.04 12.43 15.37
C ASN C 113 -25.42 11.87 15.00
N ALA C 114 -25.95 10.98 15.83
CA ALA C 114 -27.31 10.46 15.62
C ALA C 114 -28.04 10.22 16.94
N SER C 115 -28.35 8.99 17.37
CA SER C 115 -29.01 8.76 18.66
C SER C 115 -28.68 7.35 19.11
N LYS C 116 -28.83 7.00 20.39
CA LYS C 116 -28.55 5.67 20.93
C LYS C 116 -29.30 4.49 20.26
N PHE C 117 -30.27 4.86 19.46
CA PHE C 117 -31.11 3.95 18.71
C PHE C 117 -30.80 3.87 17.21
N HIS C 118 -29.98 4.77 16.69
CA HIS C 118 -29.53 4.67 15.32
C HIS C 118 -28.37 3.69 15.23
N GLN C 119 -27.98 3.38 14.02
CA GLN C 119 -27.02 2.35 13.75
C GLN C 119 -26.25 2.64 12.47
N GLY C 120 -24.97 2.31 12.45
CA GLY C 120 -24.16 2.54 11.28
C GLY C 120 -22.72 2.90 11.62
N ALA C 121 -21.83 2.63 10.67
CA ALA C 121 -20.42 2.93 10.85
C ALA C 121 -19.73 3.49 9.61
N LEU C 122 -19.18 4.67 9.79
CA LEU C 122 -18.39 5.34 8.78
C LEU C 122 -16.90 5.05 8.85
N GLY C 123 -16.31 4.66 7.73
CA GLY C 123 -14.87 4.49 7.62
C GLY C 123 -14.27 5.76 7.08
N VAL C 124 -13.49 6.47 7.90
CA VAL C 124 -12.83 7.72 7.50
C VAL C 124 -11.33 7.51 7.24
N PHE C 125 -10.90 7.59 6.00
CA PHE C 125 -9.51 7.31 5.62
C PHE C 125 -8.73 8.44 4.95
N ALA C 126 -7.58 8.78 5.49
CA ALA C 126 -6.68 9.78 4.91
C ALA C 126 -5.63 9.06 4.06
N ILE C 127 -5.64 9.28 2.76
CA ILE C 127 -4.75 8.56 1.83
C ILE C 127 -3.70 9.41 1.12
N PRO C 128 -2.37 9.19 1.27
CA PRO C 128 -1.32 9.94 0.59
C PRO C 128 -1.46 9.69 -0.92
N GLU C 129 -1.30 10.65 -1.84
CA GLU C 129 -1.42 10.39 -3.28
C GLU C 129 -2.63 9.55 -3.78
N TYR C 130 -3.87 9.88 -3.35
CA TYR C 130 -5.05 9.10 -3.73
C TYR C 130 -5.45 9.13 -5.21
N CYS C 131 -4.67 8.47 -6.05
CA CYS C 131 -4.99 8.39 -7.47
C CYS C 131 -6.25 7.58 -7.76
N LEU C 132 -7.32 8.22 -8.18
CA LEU C 132 -8.56 7.53 -8.54
C LEU C 132 -8.68 7.04 -9.99
N ALA C 133 -9.51 6.03 -10.22
CA ALA C 133 -9.74 5.49 -11.56
C ALA C 133 -10.85 6.14 -12.38
N GLY C 134 -10.90 5.95 -13.69
CA GLY C 134 -11.89 6.65 -14.50
C GLY C 134 -12.92 5.90 -15.35
N ASP C 135 -13.76 6.75 -15.93
CA ASP C 135 -14.79 6.54 -16.96
C ASP C 135 -14.68 5.53 -18.12
N SER C 136 -13.45 5.45 -18.57
CA SER C 136 -13.16 5.08 -19.94
C SER C 136 -12.28 3.93 -20.37
N ASP C 137 -12.41 3.57 -21.64
CA ASP C 137 -11.45 2.71 -22.34
C ASP C 137 -10.08 3.38 -22.35
N LYS C 138 -10.17 4.70 -22.43
CA LYS C 138 -9.05 5.61 -22.41
C LYS C 138 -8.34 5.71 -21.06
N GLN C 139 -7.07 5.36 -21.03
CA GLN C 139 -6.28 5.43 -19.82
C GLN C 139 -5.78 6.80 -19.38
N ARG C 140 -5.82 7.10 -18.06
CA ARG C 140 -5.33 8.35 -17.49
C ARG C 140 -5.89 9.64 -18.12
N TYR C 141 -7.13 9.50 -18.53
CA TYR C 141 -7.87 10.52 -19.26
C TYR C 141 -8.81 11.42 -18.46
N THR C 142 -8.90 11.31 -17.13
CA THR C 142 -9.78 12.16 -16.35
C THR C 142 -9.34 13.61 -16.42
N SER C 143 -10.21 14.49 -16.88
CA SER C 143 -9.88 15.88 -17.04
C SER C 143 -9.59 16.61 -15.73
N TYR C 144 -8.64 17.57 -15.71
CA TYR C 144 -8.35 18.36 -14.52
C TYR C 144 -9.59 18.87 -13.80
N ALA C 145 -10.49 19.55 -14.50
CA ALA C 145 -11.72 20.06 -13.89
C ALA C 145 -12.54 18.98 -13.22
N ASN C 146 -12.65 17.81 -13.83
CA ASN C 146 -13.35 16.72 -13.17
C ASN C 146 -12.60 16.06 -12.01
N ALA C 147 -11.28 16.01 -12.09
CA ALA C 147 -10.47 15.43 -11.01
C ALA C 147 -10.51 16.25 -9.71
N ASN C 148 -10.86 17.50 -9.87
CA ASN C 148 -10.90 18.46 -8.79
C ASN C 148 -12.27 19.06 -8.43
N PRO C 149 -13.14 18.43 -7.62
CA PRO C 149 -14.48 18.90 -7.34
C PRO C 149 -14.53 20.08 -6.39
N GLY C 150 -13.39 20.49 -5.84
CA GLY C 150 -13.35 21.45 -4.74
C GLY C 150 -14.10 20.95 -3.50
N GLU C 151 -14.63 21.88 -2.72
CA GLU C 151 -15.44 21.65 -1.51
C GLU C 151 -16.53 20.58 -1.62
N ARG C 152 -17.08 20.54 -2.80
CA ARG C 152 -18.15 19.65 -3.19
C ARG C 152 -17.88 18.16 -3.05
N GLY C 153 -16.61 17.82 -3.29
CA GLY C 153 -16.16 16.46 -3.28
C GLY C 153 -16.79 15.60 -4.37
N GLY C 154 -16.42 14.33 -4.38
CA GLY C 154 -17.02 13.40 -5.29
C GLY C 154 -17.69 12.27 -4.54
N LYS C 155 -18.16 11.29 -5.28
CA LYS C 155 -18.79 10.11 -4.70
C LYS C 155 -18.26 8.77 -5.18
N PHE C 156 -18.60 7.75 -4.43
CA PHE C 156 -18.36 6.38 -4.86
C PHE C 156 -19.56 5.71 -5.48
N TYR C 157 -19.32 4.73 -6.30
CA TYR C 157 -20.37 3.94 -6.92
C TYR C 157 -20.27 2.45 -6.54
N SER C 158 -21.35 1.70 -6.52
CA SER C 158 -21.25 0.27 -6.26
C SER C 158 -20.70 -0.58 -7.37
N GLN C 159 -20.62 -0.06 -8.57
CA GLN C 159 -20.10 -0.80 -9.71
C GLN C 159 -19.58 0.06 -10.86
N PHE C 160 -18.76 -0.53 -11.71
CA PHE C 160 -18.15 0.20 -12.81
C PHE C 160 -18.99 0.41 -14.05
N ASN C 161 -19.47 1.63 -14.17
CA ASN C 161 -20.18 2.02 -15.37
C ASN C 161 -19.20 2.71 -16.32
N LYS C 162 -18.77 2.01 -17.35
CA LYS C 162 -17.88 2.61 -18.34
C LYS C 162 -18.51 3.69 -19.22
N ASP C 163 -18.19 4.97 -19.10
CA ASP C 163 -18.72 5.99 -19.98
C ASP C 163 -18.41 5.74 -21.45
N ASN C 164 -19.46 5.15 -21.97
CA ASN C 164 -19.54 4.76 -23.36
C ASN C 164 -19.49 5.73 -24.50
N ALA C 165 -20.01 6.95 -24.33
CA ALA C 165 -20.10 7.90 -25.42
C ALA C 165 -18.90 8.35 -26.26
N VAL C 166 -17.80 7.58 -26.40
CA VAL C 166 -16.58 7.85 -27.22
C VAL C 166 -16.46 9.22 -27.94
N THR C 167 -17.44 9.48 -28.81
CA THR C 167 -17.60 10.75 -29.51
C THR C 167 -17.52 12.03 -28.65
N SER C 168 -18.25 12.13 -27.52
CA SER C 168 -18.10 13.29 -26.63
C SER C 168 -17.89 12.91 -25.15
N PRO C 169 -16.65 12.52 -24.78
CA PRO C 169 -16.35 11.81 -23.55
C PRO C 169 -16.59 12.57 -22.25
N LYS C 170 -17.17 12.03 -21.19
CA LYS C 170 -17.23 12.76 -19.91
C LYS C 170 -15.92 13.06 -19.20
N ARG C 171 -14.83 12.30 -19.45
CA ARG C 171 -13.54 12.47 -18.77
C ARG C 171 -13.56 12.68 -17.24
N GLU C 172 -14.41 11.83 -16.66
CA GLU C 172 -14.72 11.72 -15.25
C GLU C 172 -14.17 10.47 -14.54
N PHE C 173 -14.02 10.49 -13.23
CA PHE C 173 -13.65 9.29 -12.47
C PHE C 173 -14.82 8.33 -12.30
N CYS C 174 -14.57 7.04 -12.11
CA CYS C 174 -15.67 6.13 -11.83
C CYS C 174 -15.21 5.32 -10.60
N PRO C 175 -15.18 5.90 -9.40
CA PRO C 175 -14.64 5.29 -8.21
C PRO C 175 -15.54 4.19 -7.67
N VAL C 176 -15.21 2.91 -7.81
CA VAL C 176 -16.08 1.84 -7.27
C VAL C 176 -15.79 1.59 -5.78
N ASP C 177 -16.80 1.58 -4.91
CA ASP C 177 -16.59 1.43 -3.47
C ASP C 177 -15.73 0.27 -2.97
N TYR C 178 -16.03 -1.01 -3.20
CA TYR C 178 -15.19 -2.07 -2.66
C TYR C 178 -13.78 -2.19 -3.22
N LEU C 179 -13.50 -1.38 -4.25
CA LEU C 179 -12.16 -1.28 -4.79
C LEU C 179 -11.42 0.02 -4.43
N LEU C 180 -11.91 0.72 -3.40
CA LEU C 180 -11.42 2.04 -2.94
C LEU C 180 -11.22 3.05 -4.07
N GLY C 181 -12.02 2.88 -5.11
CA GLY C 181 -11.94 3.67 -6.33
C GLY C 181 -10.65 3.53 -7.12
N CYS C 182 -9.77 2.60 -6.78
CA CYS C 182 -8.44 2.52 -7.42
C CYS C 182 -7.84 1.15 -7.68
N GLY C 183 -8.65 0.11 -7.79
CA GLY C 183 -8.15 -1.21 -8.15
C GLY C 183 -7.58 -2.08 -7.04
N VAL C 184 -7.77 -1.67 -5.78
CA VAL C 184 -7.31 -2.45 -4.64
C VAL C 184 -8.49 -2.85 -3.75
N LEU C 185 -8.46 -3.79 -2.80
CA LEU C 185 -9.66 -4.05 -2.00
C LEU C 185 -9.83 -3.12 -0.82
N LEU C 186 -11.01 -2.49 -0.65
CA LEU C 186 -11.30 -1.59 0.46
C LEU C 186 -10.92 -2.09 1.85
N GLY C 187 -11.10 -3.37 2.15
CA GLY C 187 -10.76 -3.91 3.46
C GLY C 187 -9.33 -3.64 3.89
N ASN C 188 -8.44 -3.45 2.92
CA ASN C 188 -7.07 -3.11 3.21
C ASN C 188 -6.77 -1.62 3.37
N ALA C 189 -7.73 -0.74 3.13
CA ALA C 189 -7.58 0.70 3.31
C ALA C 189 -7.16 1.12 4.72
N PHE C 190 -7.38 0.21 5.67
CA PHE C 190 -6.95 0.37 7.05
C PHE C 190 -5.43 0.51 7.21
N VAL C 191 -4.58 0.14 6.23
CA VAL C 191 -3.16 0.47 6.33
C VAL C 191 -2.89 1.95 6.22
N TYR C 192 -3.85 2.69 5.68
CA TYR C 192 -3.79 4.14 5.65
C TYR C 192 -4.28 4.75 6.97
N PRO C 193 -3.77 5.92 7.42
CA PRO C 193 -4.25 6.62 8.62
C PRO C 193 -5.75 6.81 8.59
N HIS C 194 -6.42 6.32 9.63
CA HIS C 194 -7.88 6.32 9.64
C HIS C 194 -8.54 6.33 11.02
N GLN C 195 -9.83 6.56 11.03
CA GLN C 195 -10.68 6.31 12.18
C GLN C 195 -12.05 5.78 11.75
N ILE C 196 -12.82 5.19 12.66
CA ILE C 196 -14.16 4.74 12.34
C ILE C 196 -15.16 5.51 13.20
N ILE C 197 -16.19 6.08 12.58
CA ILE C 197 -17.28 6.69 13.34
C ILE C 197 -18.39 5.64 13.43
N ASN C 198 -18.42 4.93 14.54
CA ASN C 198 -19.43 3.91 14.78
C ASN C 198 -20.46 4.61 15.67
N LEU C 199 -21.69 4.84 15.20
CA LEU C 199 -22.68 5.63 15.95
C LEU C 199 -22.97 5.26 17.39
N ARG C 200 -22.75 3.99 17.79
CA ARG C 200 -22.90 3.62 19.21
C ARG C 200 -21.73 4.02 20.09
N THR C 201 -20.63 4.35 19.47
CA THR C 201 -19.38 4.72 20.15
C THR C 201 -19.04 6.19 20.07
N ASN C 202 -19.06 6.79 18.88
CA ASN C 202 -18.61 8.17 18.70
C ASN C 202 -19.26 9.08 17.66
N ASN C 203 -19.36 10.36 17.98
CA ASN C 203 -19.90 11.44 17.12
C ASN C 203 -19.01 11.83 15.95
N SER C 204 -17.73 11.49 16.06
CA SER C 204 -16.75 12.14 15.22
C SER C 204 -15.38 11.49 15.10
N ALA C 205 -14.63 11.89 14.07
CA ALA C 205 -13.26 11.45 13.88
C ALA C 205 -12.31 12.64 13.75
N THR C 206 -11.11 12.56 14.33
CA THR C 206 -10.13 13.63 14.26
C THR C 206 -8.78 13.07 13.85
N ILE C 207 -8.37 13.43 12.63
CA ILE C 207 -7.10 12.98 12.08
C ILE C 207 -6.16 14.15 11.77
N VAL C 208 -4.97 14.16 12.33
CA VAL C 208 -3.97 15.20 12.08
C VAL C 208 -3.01 14.73 10.99
N LEU C 209 -3.03 15.39 9.85
CA LEU C 209 -2.20 15.07 8.68
C LEU C 209 -0.93 15.91 8.52
N PRO C 210 0.27 15.30 8.51
CA PRO C 210 1.52 15.93 8.14
C PRO C 210 1.58 16.22 6.62
N TYR C 211 2.46 17.07 6.12
CA TYR C 211 2.62 17.19 4.66
C TYR C 211 3.37 15.95 4.18
N VAL C 212 2.78 15.17 3.29
CA VAL C 212 3.44 14.01 2.74
C VAL C 212 3.62 14.20 1.26
N ASN C 213 4.86 14.05 0.81
CA ASN C 213 5.22 14.19 -0.60
C ASN C 213 6.63 13.68 -0.87
N ALA C 214 6.96 13.40 -2.13
CA ALA C 214 8.34 13.07 -2.53
C ALA C 214 9.24 14.31 -2.58
N LEU C 215 8.67 15.47 -2.24
CA LEU C 215 9.33 16.77 -2.24
C LEU C 215 9.04 17.58 -0.99
N ALA C 216 9.92 18.48 -0.54
CA ALA C 216 9.64 19.38 0.59
C ALA C 216 8.48 20.35 0.34
N ILE C 217 8.38 20.84 -0.89
CA ILE C 217 7.32 21.71 -1.32
C ILE C 217 6.99 21.48 -2.80
N ASP C 218 5.76 21.75 -3.18
CA ASP C 218 5.29 21.52 -4.53
C ASP C 218 4.18 22.51 -4.92
N SER C 219 3.73 22.40 -6.16
CA SER C 219 2.60 23.15 -6.64
C SER C 219 1.28 22.59 -6.16
N MET C 220 0.58 23.34 -5.33
CA MET C 220 -0.74 22.93 -4.85
C MET C 220 -1.82 22.92 -5.94
N VAL C 221 -1.80 23.84 -6.91
CA VAL C 221 -2.77 23.88 -7.99
C VAL C 221 -2.62 22.67 -8.94
N LYS C 222 -1.41 22.16 -9.13
CA LYS C 222 -1.22 20.98 -9.98
C LYS C 222 -1.39 19.64 -9.28
N HIS C 223 -1.24 19.64 -7.95
CA HIS C 223 -1.12 18.37 -7.24
C HIS C 223 -1.74 18.27 -5.86
N ASN C 224 -2.57 17.26 -5.67
CA ASN C 224 -3.14 16.99 -4.38
C ASN C 224 -2.28 16.00 -3.57
N ASN C 225 -2.02 16.30 -2.30
CA ASN C 225 -1.17 15.49 -1.44
C ASN C 225 -1.88 14.38 -0.69
N TRP C 226 -3.05 14.78 -0.16
CA TRP C 226 -3.90 13.88 0.61
C TRP C 226 -5.30 13.73 0.02
N GLY C 227 -5.84 12.53 0.08
CA GLY C 227 -7.22 12.28 -0.30
C GLY C 227 -8.04 11.88 0.93
N ILE C 228 -9.25 12.40 1.13
CA ILE C 228 -10.08 11.99 2.25
C ILE C 228 -11.19 11.11 1.74
N ALA C 229 -11.23 9.84 2.13
CA ALA C 229 -12.32 8.97 1.71
C ALA C 229 -13.23 8.52 2.85
N ILE C 230 -14.51 8.87 2.82
CA ILE C 230 -15.48 8.43 3.83
C ILE C 230 -16.45 7.39 3.22
N LEU C 231 -16.35 6.12 3.63
CA LEU C 231 -17.25 5.07 3.13
C LEU C 231 -18.05 4.35 4.21
N PRO C 232 -19.33 4.03 4.02
CA PRO C 232 -20.13 3.36 5.01
C PRO C 232 -19.75 1.91 5.18
N LEU C 233 -18.92 1.59 6.16
CA LEU C 233 -18.53 0.20 6.40
C LEU C 233 -19.72 -0.67 6.81
N SER C 234 -20.63 0.00 7.47
CA SER C 234 -21.90 -0.59 7.88
C SER C 234 -23.02 0.41 7.64
N PRO C 235 -24.06 0.12 6.86
CA PRO C 235 -25.13 1.04 6.48
C PRO C 235 -25.95 1.65 7.58
N LEU C 236 -26.39 2.87 7.32
CA LEU C 236 -27.25 3.60 8.24
C LEU C 236 -28.58 2.93 8.40
N ASP C 237 -28.97 2.83 9.66
CA ASP C 237 -30.25 2.26 10.04
C ASP C 237 -30.84 2.85 11.31
N PHE C 238 -32.16 2.93 11.34
CA PHE C 238 -32.91 3.50 12.44
C PHE C 238 -34.31 2.93 12.59
N ALA C 239 -34.69 2.62 13.85
CA ALA C 239 -36.02 2.09 14.19
C ALA C 239 -36.52 1.12 13.12
N GLN C 240 -37.61 1.40 12.40
CA GLN C 240 -37.95 0.60 11.21
C GLN C 240 -38.05 1.49 9.95
N ASP C 241 -37.84 2.79 10.16
CA ASP C 241 -37.97 3.77 9.10
C ASP C 241 -36.99 3.48 7.96
N SER C 242 -37.47 3.06 6.79
CA SER C 242 -36.61 2.71 5.65
C SER C 242 -35.95 3.87 4.91
N SER C 243 -36.26 5.09 5.30
CA SER C 243 -35.67 6.26 4.65
C SER C 243 -35.06 7.29 5.61
N VAL C 244 -34.25 6.79 6.53
CA VAL C 244 -33.48 7.61 7.47
C VAL C 244 -32.36 8.39 6.75
N GLU C 245 -32.08 9.56 7.27
CA GLU C 245 -31.02 10.42 6.75
C GLU C 245 -30.37 11.26 7.84
N ILE C 246 -29.07 11.17 8.04
CA ILE C 246 -28.38 12.01 9.02
C ILE C 246 -27.20 12.77 8.38
N PRO C 247 -26.91 14.01 8.76
CA PRO C 247 -25.84 14.79 8.17
C PRO C 247 -24.41 14.40 8.54
N ILE C 248 -23.51 14.42 7.56
CA ILE C 248 -22.09 14.29 7.77
C ILE C 248 -21.50 15.67 7.44
N THR C 249 -20.77 16.23 8.38
CA THR C 249 -20.11 17.51 8.17
C THR C 249 -18.59 17.42 8.31
N VAL C 250 -17.88 17.85 7.27
CA VAL C 250 -16.40 17.83 7.30
C VAL C 250 -15.75 19.22 7.56
N THR C 251 -15.06 19.34 8.67
CA THR C 251 -14.34 20.58 8.98
C THR C 251 -12.83 20.37 8.91
N ILE C 252 -12.13 21.18 8.14
CA ILE C 252 -10.70 21.03 7.95
C ILE C 252 -9.88 22.30 8.22
N ALA C 253 -8.74 22.15 8.87
CA ALA C 253 -7.83 23.26 9.13
C ALA C 253 -6.45 23.10 8.51
N PRO C 254 -5.99 23.98 7.62
CA PRO C 254 -4.58 24.01 7.24
C PRO C 254 -3.63 24.25 8.40
N MET C 255 -2.44 23.64 8.39
CA MET C 255 -1.49 23.74 9.49
C MET C 255 -0.06 23.94 9.02
N CYS C 256 0.73 24.75 9.72
CA CYS C 256 2.12 25.10 9.35
C CYS C 256 2.31 25.42 7.87
N SER C 257 1.33 26.10 7.32
CA SER C 257 1.33 26.55 5.93
C SER C 257 2.42 27.55 5.55
N GLU C 258 3.14 27.26 4.48
CA GLU C 258 4.12 28.21 3.94
C GLU C 258 4.13 28.20 2.43
N PHE C 259 4.42 29.36 1.87
CA PHE C 259 4.33 29.56 0.44
C PHE C 259 5.53 30.23 -0.19
N ASN C 260 5.92 29.75 -1.37
CA ASN C 260 7.02 30.32 -2.12
C ASN C 260 6.67 30.68 -3.55
N GLY C 261 7.47 31.49 -4.24
CA GLY C 261 7.23 31.85 -5.64
C GLY C 261 6.00 32.74 -5.91
N LEU C 262 5.93 33.87 -5.25
CA LEU C 262 4.87 34.84 -5.48
C LEU C 262 4.90 35.55 -6.85
N ARG C 263 3.76 35.65 -7.47
CA ARG C 263 3.56 36.41 -8.70
C ARG C 263 2.09 36.80 -8.93
N ASN C 264 1.60 37.00 -10.16
CA ASN C 264 0.19 37.28 -10.39
C ASN C 264 -0.70 36.07 -10.06
N VAL C 265 -1.98 36.22 -9.78
CA VAL C 265 -2.78 35.09 -9.35
C VAL C 265 -3.19 34.06 -10.42
N THR C 266 -3.02 32.79 -10.06
CA THR C 266 -3.53 31.69 -10.88
C THR C 266 -5.05 31.61 -10.86
N ALA C 267 -5.66 31.70 -12.04
CA ALA C 267 -7.09 31.53 -12.19
C ALA C 267 -7.43 30.30 -13.03
N PRO C 268 -7.58 29.10 -12.45
CA PRO C 268 -7.80 27.89 -13.25
C PRO C 268 -9.17 27.90 -13.94
N LYS C 269 -9.33 27.09 -14.96
CA LYS C 269 -10.60 27.01 -15.63
C LYS C 269 -11.37 25.76 -15.22
N PHE C 270 -12.46 25.99 -14.48
CA PHE C 270 -13.28 24.89 -14.02
C PHE C 270 -14.54 24.59 -14.79
N GLN C 271 -14.62 25.06 -16.02
CA GLN C 271 -15.82 24.76 -16.80
C GLN C 271 -15.66 23.64 -17.82
N GLY D 1 50.46 -12.01 -14.75
CA GLY D 1 49.19 -12.74 -14.90
C GLY D 1 48.97 -13.71 -13.75
N LEU D 2 48.09 -13.47 -12.79
CA LEU D 2 47.81 -14.38 -11.69
C LEU D 2 47.20 -15.67 -12.20
N PRO D 3 47.79 -16.84 -11.98
CA PRO D 3 47.23 -18.10 -12.40
C PRO D 3 45.87 -18.36 -11.74
N VAL D 4 44.79 -18.44 -12.52
CA VAL D 4 43.45 -18.71 -12.00
C VAL D 4 42.78 -19.94 -12.59
N LEU D 5 41.81 -20.52 -11.90
CA LEU D 5 41.06 -21.65 -12.42
C LEU D 5 39.57 -21.41 -12.30
N ASN D 6 38.91 -21.39 -13.43
CA ASN D 6 37.48 -21.16 -13.44
C ASN D 6 36.63 -22.27 -12.85
N THR D 7 35.83 -22.02 -11.83
CA THR D 7 34.99 -23.07 -11.23
C THR D 7 33.61 -23.22 -11.85
N PRO D 8 32.85 -24.32 -11.68
CA PRO D 8 31.44 -24.35 -12.00
C PRO D 8 30.63 -23.20 -11.42
N GLY D 9 29.57 -22.81 -12.11
CA GLY D 9 28.84 -21.60 -11.77
C GLY D 9 29.31 -20.39 -12.59
N SER D 10 30.55 -20.43 -13.06
CA SER D 10 31.11 -19.42 -13.93
C SER D 10 30.31 -18.99 -15.14
N ASN D 11 30.09 -17.69 -15.30
CA ASN D 11 29.32 -17.06 -16.39
C ASN D 11 27.83 -17.31 -16.34
N GLN D 12 27.34 -17.82 -15.22
CA GLN D 12 25.91 -17.99 -15.08
C GLN D 12 25.28 -16.69 -14.59
N TYR D 13 23.97 -16.68 -14.68
CA TYR D 13 23.23 -15.60 -14.10
C TYR D 13 22.16 -16.11 -13.14
N LEU D 14 22.38 -15.89 -11.84
CA LEU D 14 21.36 -16.20 -10.85
C LEU D 14 20.55 -14.99 -10.40
N THR D 15 19.27 -14.91 -10.75
CA THR D 15 18.29 -13.87 -10.35
C THR D 15 18.33 -13.43 -8.89
N SER D 16 18.60 -14.41 -8.06
CA SER D 16 18.73 -14.35 -6.61
C SER D 16 20.13 -13.92 -6.12
N ASP D 17 21.05 -13.51 -6.96
CA ASP D 17 22.40 -13.22 -6.52
C ASP D 17 22.69 -11.82 -6.01
N ASN D 18 23.88 -11.63 -5.44
CA ASN D 18 24.26 -10.35 -4.89
C ASN D 18 25.69 -9.86 -5.22
N HIS D 19 25.90 -9.27 -6.38
CA HIS D 19 27.21 -8.84 -6.81
C HIS D 19 27.37 -7.37 -7.24
N GLN D 20 28.58 -6.87 -7.14
CA GLN D 20 28.91 -5.55 -7.65
C GLN D 20 28.91 -5.50 -9.18
N SER D 21 28.74 -4.34 -9.78
CA SER D 21 28.79 -4.20 -11.23
C SER D 21 29.15 -2.76 -11.63
N PRO D 22 29.69 -2.44 -12.82
CA PRO D 22 30.04 -1.10 -13.21
C PRO D 22 28.90 -0.08 -13.12
N CYS D 23 29.14 1.17 -12.73
CA CYS D 23 28.10 2.17 -12.74
C CYS D 23 28.02 2.93 -14.08
N ALA D 24 26.90 2.83 -14.75
CA ALA D 24 26.71 3.45 -16.05
C ALA D 24 26.58 4.96 -16.10
N ILE D 25 26.36 5.61 -14.96
CA ILE D 25 26.37 7.07 -14.93
C ILE D 25 27.28 7.51 -13.79
N PRO D 26 28.62 7.52 -14.03
CA PRO D 26 29.64 7.81 -13.04
C PRO D 26 29.48 9.23 -12.51
N GLU D 27 29.91 9.47 -11.29
CA GLU D 27 29.92 10.78 -10.67
C GLU D 27 28.65 11.63 -10.70
N PHE D 28 27.51 10.98 -10.90
CA PHE D 28 26.21 11.62 -10.87
C PHE D 28 25.89 12.32 -9.55
N ASP D 29 25.41 13.55 -9.59
CA ASP D 29 25.05 14.24 -8.35
C ASP D 29 23.67 13.85 -7.80
N VAL D 30 23.66 12.91 -6.89
CA VAL D 30 22.43 12.38 -6.34
C VAL D 30 21.55 13.29 -5.49
N THR D 31 20.27 13.43 -5.78
CA THR D 31 19.36 14.17 -4.89
C THR D 31 19.35 13.56 -3.49
N PRO D 32 19.64 14.31 -2.43
CA PRO D 32 19.63 13.81 -1.07
C PRO D 32 18.25 13.39 -0.59
N PRO D 33 18.15 12.50 0.41
CA PRO D 33 16.89 12.18 1.06
C PRO D 33 16.30 13.32 1.86
N ILE D 34 14.98 13.36 2.04
CA ILE D 34 14.37 14.24 3.06
C ILE D 34 13.59 13.35 3.99
N ASP D 35 13.26 13.75 5.21
CA ASP D 35 12.53 12.87 6.12
C ASP D 35 11.04 12.74 5.79
N ILE D 36 10.69 11.86 4.87
CA ILE D 36 9.31 11.62 4.53
C ILE D 36 8.59 10.85 5.65
N PRO D 37 7.41 11.23 6.13
CA PRO D 37 6.67 10.41 7.07
C PRO D 37 6.15 9.07 6.51
N GLY D 38 6.02 8.03 7.33
CA GLY D 38 5.52 6.73 6.90
C GLY D 38 6.49 5.67 6.40
N GLU D 39 7.77 5.72 6.77
CA GLU D 39 8.78 4.74 6.31
C GLU D 39 8.60 3.32 6.83
N VAL D 40 8.77 2.32 5.96
CA VAL D 40 8.65 0.91 6.32
C VAL D 40 9.99 0.18 6.28
N LYS D 41 10.37 -0.57 7.33
CA LYS D 41 11.59 -1.36 7.32
C LYS D 41 11.44 -2.86 7.04
N ASN D 42 10.23 -3.40 7.24
CA ASN D 42 10.03 -4.83 7.05
C ASN D 42 8.60 -5.17 6.63
N MET D 43 8.38 -5.99 5.60
CA MET D 43 7.01 -6.37 5.15
C MET D 43 6.12 -6.92 6.30
N MET D 44 6.69 -7.56 7.33
CA MET D 44 5.92 -7.97 8.48
C MET D 44 5.25 -6.82 9.25
N GLU D 45 5.81 -5.61 9.24
CA GLU D 45 5.10 -4.44 9.77
C GLU D 45 3.70 -4.24 9.19
N LEU D 46 3.55 -4.54 7.89
CA LEU D 46 2.25 -4.40 7.24
C LEU D 46 1.26 -5.48 7.70
N ALA D 47 1.76 -6.69 7.89
CA ALA D 47 0.93 -7.79 8.37
C ALA D 47 0.46 -7.63 9.81
N GLU D 48 1.10 -6.74 10.55
CA GLU D 48 0.70 -6.43 11.92
C GLU D 48 -0.39 -5.37 12.03
N ILE D 49 -0.74 -4.75 10.91
CA ILE D 49 -1.80 -3.76 10.87
C ILE D 49 -3.13 -4.47 10.69
N ASP D 50 -4.08 -4.20 11.57
CA ASP D 50 -5.44 -4.69 11.37
C ASP D 50 -6.08 -4.29 10.03
N THR D 51 -6.49 -5.23 9.22
CA THR D 51 -7.28 -4.93 8.03
C THR D 51 -8.57 -5.76 8.06
N MET D 52 -9.62 -5.24 7.43
CA MET D 52 -10.95 -5.83 7.45
C MET D 52 -11.10 -7.11 6.64
N ILE D 53 -11.68 -8.13 7.25
CA ILE D 53 -11.87 -9.42 6.61
C ILE D 53 -13.09 -9.53 5.72
N PRO D 54 -13.00 -10.01 4.47
CA PRO D 54 -14.15 -10.37 3.65
C PRO D 54 -14.86 -11.62 4.20
N LEU D 55 -15.46 -11.53 5.38
CA LEU D 55 -16.10 -12.66 6.03
C LEU D 55 -17.31 -13.28 5.35
N ASN D 56 -17.92 -12.55 4.43
CA ASN D 56 -19.15 -13.00 3.81
C ASN D 56 -19.07 -13.18 2.30
N LEU D 57 -18.55 -14.33 1.88
CA LEU D 57 -18.38 -14.58 0.43
C LEU D 57 -19.46 -15.39 -0.25
N GLU D 58 -20.68 -15.24 0.24
CA GLU D 58 -21.85 -15.89 -0.33
C GLU D 58 -22.18 -15.29 -1.70
N SER D 59 -22.73 -16.10 -2.61
CA SER D 59 -23.14 -15.70 -3.96
C SER D 59 -23.43 -14.24 -4.32
N THR D 60 -24.39 -13.60 -3.66
CA THR D 60 -24.70 -12.19 -3.92
C THR D 60 -23.93 -11.21 -3.06
N LYS D 61 -23.27 -11.67 -2.00
CA LYS D 61 -22.51 -10.81 -1.13
C LYS D 61 -21.07 -10.58 -1.56
N ARG D 62 -20.44 -11.59 -2.17
CA ARG D 62 -19.04 -11.44 -2.53
C ARG D 62 -18.72 -10.38 -3.58
N ASN D 63 -17.51 -9.83 -3.58
CA ASN D 63 -17.11 -8.76 -4.51
C ASN D 63 -18.08 -7.56 -4.53
N THR D 64 -18.55 -7.33 -3.33
CA THR D 64 -19.51 -6.30 -3.00
C THR D 64 -19.20 -5.77 -1.60
N MET D 65 -19.70 -4.63 -1.14
CA MET D 65 -19.42 -4.14 0.23
C MET D 65 -20.00 -5.01 1.33
N ASP D 66 -21.04 -5.75 1.00
CA ASP D 66 -21.64 -6.70 1.93
C ASP D 66 -20.76 -7.90 2.29
N MET D 67 -19.71 -8.19 1.52
CA MET D 67 -18.75 -9.23 1.87
C MET D 67 -18.03 -8.94 3.19
N TYR D 68 -17.97 -7.66 3.57
CA TYR D 68 -17.38 -7.24 4.82
C TYR D 68 -18.33 -7.25 6.00
N ARG D 69 -19.60 -7.50 5.76
CA ARG D 69 -20.64 -7.41 6.78
C ARG D 69 -21.28 -8.72 7.24
N VAL D 70 -21.11 -9.12 8.50
CA VAL D 70 -21.82 -10.29 9.02
C VAL D 70 -23.08 -9.87 9.77
N THR D 71 -24.26 -10.31 9.37
CA THR D 71 -25.49 -9.96 10.06
C THR D 71 -25.79 -10.72 11.34
N LEU D 72 -25.86 -9.95 12.42
CA LEU D 72 -26.30 -10.47 13.71
C LEU D 72 -27.73 -10.06 13.94
N SER D 73 -28.56 -10.89 14.56
CA SER D 73 -29.94 -10.46 14.85
C SER D 73 -30.53 -11.07 16.12
N ASP D 74 -31.51 -10.39 16.73
CA ASP D 74 -32.13 -10.92 17.94
C ASP D 74 -33.01 -12.16 17.74
N SER D 75 -33.34 -12.42 16.49
CA SER D 75 -34.15 -13.55 16.11
C SER D 75 -33.35 -14.65 15.39
N ALA D 76 -32.02 -14.63 15.45
CA ALA D 76 -31.21 -15.68 14.85
C ALA D 76 -31.38 -17.08 15.45
N ASP D 77 -31.11 -18.15 14.73
CA ASP D 77 -31.13 -19.49 15.32
C ASP D 77 -29.89 -19.69 16.20
N LEU D 78 -30.07 -19.57 17.50
CA LEU D 78 -28.99 -19.71 18.47
C LEU D 78 -28.17 -20.99 18.45
N SER D 79 -28.72 -22.10 18.01
CA SER D 79 -27.93 -23.34 17.89
C SER D 79 -26.89 -23.29 16.77
N GLN D 80 -27.15 -22.50 15.75
CA GLN D 80 -26.27 -22.40 14.61
C GLN D 80 -25.04 -21.52 14.76
N PRO D 81 -23.95 -21.83 14.07
CA PRO D 81 -22.80 -20.95 14.00
C PRO D 81 -23.06 -19.60 13.36
N ILE D 82 -22.58 -18.48 13.92
CA ILE D 82 -22.66 -17.19 13.25
C ILE D 82 -21.72 -17.23 12.01
N LEU D 83 -20.50 -17.72 12.20
CA LEU D 83 -19.54 -17.88 11.10
C LEU D 83 -18.53 -19.01 11.37
N CYS D 84 -18.07 -19.65 10.30
CA CYS D 84 -17.09 -20.73 10.42
C CYS D 84 -15.99 -20.52 9.41
N LEU D 85 -14.73 -20.60 9.81
CA LEU D 85 -13.61 -20.32 8.92
C LEU D 85 -12.35 -21.15 9.20
N SER D 86 -11.58 -21.55 8.20
CA SER D 86 -10.32 -22.25 8.43
C SER D 86 -9.06 -21.43 8.70
N LEU D 87 -8.16 -21.88 9.57
CA LEU D 87 -6.91 -21.15 9.78
C LEU D 87 -5.83 -21.42 8.74
N SER D 88 -6.08 -20.86 7.57
CA SER D 88 -5.16 -20.89 6.45
C SER D 88 -4.91 -19.48 5.93
N PRO D 89 -4.19 -18.65 6.68
CA PRO D 89 -4.11 -17.20 6.44
C PRO D 89 -3.81 -16.74 5.02
N ALA D 90 -3.01 -17.47 4.26
CA ALA D 90 -2.76 -17.10 2.85
C ALA D 90 -3.65 -17.76 1.79
N PHE D 91 -4.34 -18.83 2.17
CA PHE D 91 -5.14 -19.64 1.26
C PHE D 91 -6.66 -19.52 1.40
N ASP D 92 -7.21 -19.51 2.61
CA ASP D 92 -8.65 -19.44 2.81
C ASP D 92 -9.24 -18.19 2.15
N PRO D 93 -10.27 -18.25 1.30
CA PRO D 93 -10.70 -17.12 0.47
C PRO D 93 -11.04 -15.86 1.25
N ARG D 94 -11.54 -16.02 2.48
CA ARG D 94 -11.79 -14.94 3.41
C ARG D 94 -10.55 -14.27 3.95
N LEU D 95 -9.44 -15.02 4.12
CA LEU D 95 -8.19 -14.47 4.63
C LEU D 95 -7.14 -14.08 3.62
N SER D 96 -7.00 -14.85 2.54
CA SER D 96 -5.98 -14.66 1.48
C SER D 96 -5.77 -13.28 0.86
N HIS D 97 -6.84 -12.47 0.81
CA HIS D 97 -6.77 -11.12 0.28
C HIS D 97 -6.70 -9.98 1.29
N THR D 98 -6.66 -10.29 2.57
CA THR D 98 -6.43 -9.29 3.64
C THR D 98 -4.98 -8.76 3.56
N MET D 99 -4.54 -7.67 4.13
CA MET D 99 -3.13 -7.27 4.02
C MET D 99 -2.16 -8.34 4.51
N LEU D 100 -2.50 -9.02 5.63
CA LEU D 100 -1.76 -10.18 6.11
C LEU D 100 -1.72 -11.30 5.06
N GLY D 101 -2.87 -11.66 4.51
CA GLY D 101 -2.94 -12.71 3.48
C GLY D 101 -2.10 -12.41 2.24
N GLU D 102 -2.10 -11.13 1.85
CA GLU D 102 -1.36 -10.71 0.69
C GLU D 102 0.15 -10.75 0.82
N VAL D 103 0.70 -10.29 1.95
CA VAL D 103 2.14 -10.42 2.23
C VAL D 103 2.51 -11.91 2.30
N LEU D 104 1.69 -12.76 2.94
CA LEU D 104 1.97 -14.19 2.98
C LEU D 104 1.98 -14.88 1.63
N ASN D 105 1.20 -14.43 0.64
CA ASN D 105 1.28 -15.02 -0.69
C ASN D 105 2.53 -14.72 -1.51
N TYR D 106 3.39 -13.85 -0.98
CA TYR D 106 4.73 -13.65 -1.54
C TYR D 106 5.79 -14.51 -0.80
N TYR D 107 5.36 -15.30 0.18
CA TYR D 107 6.25 -16.23 0.87
C TYR D 107 5.73 -17.68 0.90
N THR D 108 6.58 -18.68 1.01
CA THR D 108 6.14 -20.08 1.05
C THR D 108 5.76 -20.59 2.43
N HIS D 109 6.41 -20.09 3.47
CA HIS D 109 6.22 -20.59 4.82
C HIS D 109 5.82 -19.53 5.85
N TRP D 110 4.83 -19.80 6.70
CA TRP D 110 4.52 -18.86 7.77
C TRP D 110 4.61 -19.51 9.17
N ALA D 111 4.86 -18.70 10.18
CA ALA D 111 4.87 -19.14 11.57
C ALA D 111 4.55 -18.03 12.53
N GLY D 112 3.83 -18.28 13.60
CA GLY D 112 3.50 -17.24 14.57
C GLY D 112 2.05 -17.17 14.99
N SER D 113 1.76 -16.30 15.95
CA SER D 113 0.38 -16.17 16.46
C SER D 113 -0.37 -15.06 15.75
N LEU D 114 -1.65 -15.30 15.51
CA LEU D 114 -2.53 -14.36 14.80
C LEU D 114 -3.56 -13.80 15.76
N LYS D 115 -4.18 -12.68 15.45
CA LYS D 115 -5.29 -12.22 16.25
C LYS D 115 -6.44 -11.61 15.46
N PHE D 116 -7.64 -12.10 15.78
CA PHE D 116 -8.87 -11.65 15.17
C PHE D 116 -9.63 -10.67 16.05
N THR D 117 -10.00 -9.50 15.52
CA THR D 117 -10.78 -8.55 16.31
C THR D 117 -12.12 -8.25 15.67
N PHE D 118 -13.16 -8.35 16.49
CA PHE D 118 -14.51 -8.13 16.00
C PHE D 118 -15.15 -6.84 16.51
N LEU D 119 -15.78 -6.12 15.59
CA LEU D 119 -16.45 -4.87 15.87
C LEU D 119 -17.97 -4.92 15.80
N PHE D 120 -18.64 -4.61 16.90
CA PHE D 120 -20.11 -4.56 16.90
C PHE D 120 -20.61 -3.24 16.31
N CYS D 121 -21.27 -3.26 15.16
CA CYS D 121 -21.78 -2.03 14.57
C CYS D 121 -23.29 -1.81 14.71
N GLY D 122 -23.87 -2.42 15.73
CA GLY D 122 -25.29 -2.22 16.04
C GLY D 122 -25.58 -0.95 16.84
N SER D 123 -26.80 -0.67 17.23
CA SER D 123 -27.07 0.51 18.05
C SER D 123 -26.58 0.42 19.48
N MET D 124 -26.42 1.55 20.19
CA MET D 124 -25.97 1.52 21.58
C MET D 124 -26.94 0.82 22.54
N MET D 125 -28.23 0.88 22.21
CA MET D 125 -29.23 0.17 22.96
C MET D 125 -29.22 -1.35 22.81
N ALA D 126 -28.43 -1.90 21.89
CA ALA D 126 -28.31 -3.33 21.73
C ALA D 126 -27.30 -4.00 22.66
N THR D 127 -27.62 -5.18 23.15
CA THR D 127 -26.70 -5.94 24.01
C THR D 127 -26.51 -7.37 23.54
N GLY D 128 -25.58 -8.11 24.11
CA GLY D 128 -25.42 -9.52 23.77
C GLY D 128 -24.14 -10.15 24.25
N LYS D 129 -24.09 -11.47 24.29
CA LYS D 129 -22.83 -12.14 24.57
C LYS D 129 -22.54 -13.16 23.50
N ILE D 130 -21.35 -13.07 22.96
CA ILE D 130 -20.86 -13.94 21.86
C ILE D 130 -19.66 -14.78 22.23
N LEU D 131 -19.65 -16.06 21.89
CA LEU D 131 -18.48 -16.89 22.10
C LEU D 131 -17.72 -17.06 20.79
N VAL D 132 -16.44 -16.67 20.78
CA VAL D 132 -15.60 -16.85 19.60
C VAL D 132 -14.44 -17.79 19.93
N ALA D 133 -14.22 -18.74 19.04
CA ALA D 133 -13.32 -19.85 19.30
C ALA D 133 -12.34 -20.32 18.23
N TYR D 134 -11.31 -21.00 18.72
CA TYR D 134 -10.28 -21.64 17.91
C TYR D 134 -9.97 -23.07 18.37
N ALA D 135 -10.16 -23.96 17.41
CA ALA D 135 -9.88 -25.37 17.58
C ALA D 135 -8.62 -25.74 16.81
N PRO D 136 -7.47 -26.00 17.47
CA PRO D 136 -6.34 -26.68 16.85
C PRO D 136 -6.66 -27.92 16.04
N PRO D 137 -5.95 -28.26 14.96
CA PRO D 137 -6.33 -29.32 14.04
C PRO D 137 -6.44 -30.74 14.61
N GLY D 138 -6.97 -31.72 13.87
CA GLY D 138 -6.97 -33.09 14.34
C GLY D 138 -8.31 -33.74 14.69
N ALA D 139 -9.34 -32.94 14.93
CA ALA D 139 -10.66 -33.45 15.21
C ALA D 139 -11.76 -32.93 14.28
N GLN D 140 -13.00 -33.27 14.55
CA GLN D 140 -14.13 -32.79 13.79
C GLN D 140 -14.33 -31.29 13.96
N PRO D 141 -14.31 -30.49 12.89
CA PRO D 141 -14.51 -29.04 12.98
C PRO D 141 -15.81 -28.70 13.67
N PRO D 142 -15.82 -27.83 14.69
CA PRO D 142 -16.97 -27.63 15.54
C PRO D 142 -18.25 -27.23 14.83
N THR D 143 -19.33 -27.91 15.15
CA THR D 143 -20.65 -27.61 14.59
C THR D 143 -21.64 -27.07 15.60
N SER D 144 -21.31 -27.26 16.86
CA SER D 144 -22.12 -26.76 17.95
C SER D 144 -21.28 -25.93 18.93
N ARG D 145 -21.85 -24.95 19.65
CA ARG D 145 -21.12 -24.25 20.69
C ARG D 145 -20.57 -25.19 21.72
N LYS D 146 -21.30 -26.26 22.03
CA LYS D 146 -20.86 -27.32 22.95
C LYS D 146 -19.46 -27.82 22.59
N GLU D 147 -19.28 -28.12 21.31
CA GLU D 147 -17.99 -28.53 20.80
C GLU D 147 -16.95 -27.43 20.76
N ALA D 148 -17.34 -26.25 20.26
CA ALA D 148 -16.43 -25.12 20.20
C ALA D 148 -15.90 -24.64 21.56
N MET D 149 -16.74 -24.67 22.58
CA MET D 149 -16.42 -24.29 23.96
C MET D 149 -15.09 -24.91 24.42
N LEU D 150 -14.88 -26.19 24.07
CA LEU D 150 -13.73 -26.96 24.51
C LEU D 150 -12.34 -26.58 24.00
N GLY D 151 -12.27 -25.75 22.97
CA GLY D 151 -11.02 -25.27 22.45
C GLY D 151 -10.70 -23.88 22.97
N THR D 152 -9.68 -23.25 22.41
CA THR D 152 -9.28 -21.90 22.79
C THR D 152 -10.43 -20.96 22.53
N HIS D 153 -10.89 -20.17 23.50
CA HIS D 153 -11.99 -19.27 23.22
C HIS D 153 -12.09 -18.06 24.12
N VAL D 154 -12.87 -17.09 23.62
CA VAL D 154 -13.16 -15.86 24.31
C VAL D 154 -14.65 -15.62 24.36
N ILE D 155 -15.20 -15.22 25.51
CA ILE D 155 -16.61 -14.84 25.60
C ILE D 155 -16.69 -13.33 25.64
N TRP D 156 -17.03 -12.77 24.48
CA TRP D 156 -17.19 -11.34 24.24
C TRP D 156 -18.51 -10.80 24.78
N ASP D 157 -18.43 -9.82 25.65
CA ASP D 157 -19.64 -9.19 26.14
C ASP D 157 -19.80 -7.82 25.51
N LEU D 158 -20.87 -7.57 24.75
CA LEU D 158 -21.02 -6.28 24.07
C LEU D 158 -21.27 -5.17 25.08
N GLY D 159 -20.71 -3.99 24.88
CA GLY D 159 -20.83 -2.88 25.80
C GLY D 159 -20.10 -1.64 25.30
N LEU D 160 -19.64 -0.68 26.13
CA LEU D 160 -19.00 0.54 25.66
C LEU D 160 -17.73 0.33 24.86
N GLN D 161 -16.92 -0.66 25.25
CA GLN D 161 -15.78 -1.02 24.44
C GLN D 161 -16.41 -1.85 23.34
N SER D 162 -16.38 -1.26 22.15
CA SER D 162 -17.06 -1.80 20.99
C SER D 162 -16.56 -3.10 20.37
N SER D 163 -15.31 -3.37 20.67
CA SER D 163 -14.63 -4.46 20.02
C SER D 163 -14.04 -5.50 20.94
N CYS D 164 -13.86 -6.70 20.40
CA CYS D 164 -13.20 -7.77 21.17
C CYS D 164 -12.09 -8.47 20.38
N THR D 165 -11.01 -8.86 21.05
CA THR D 165 -9.93 -9.55 20.36
C THR D 165 -9.67 -10.96 20.88
N MET D 166 -9.72 -11.88 19.95
CA MET D 166 -9.31 -13.25 20.19
C MET D 166 -7.93 -13.48 19.56
N VAL D 167 -6.92 -13.85 20.36
CA VAL D 167 -5.64 -14.27 19.82
C VAL D 167 -5.65 -15.78 19.52
N VAL D 168 -5.25 -16.15 18.32
CA VAL D 168 -5.06 -17.53 17.95
C VAL D 168 -3.58 -17.85 18.21
N PRO D 169 -3.24 -18.51 19.33
CA PRO D 169 -1.86 -18.78 19.72
C PRO D 169 -1.13 -19.70 18.77
N TRP D 170 0.16 -19.53 18.46
CA TRP D 170 0.89 -20.51 17.65
C TRP D 170 0.95 -21.89 18.29
N ILE D 171 0.04 -22.77 17.86
CA ILE D 171 0.04 -24.18 18.29
C ILE D 171 0.22 -25.03 17.04
N SER D 172 1.42 -25.50 16.79
CA SER D 172 1.73 -26.29 15.59
C SER D 172 2.69 -27.44 15.86
N ASN D 173 2.68 -28.49 15.03
CA ASN D 173 3.68 -29.54 15.17
C ASN D 173 4.99 -29.13 14.47
N VAL D 174 4.84 -28.59 13.28
CA VAL D 174 5.96 -28.12 12.50
C VAL D 174 6.40 -26.73 12.94
N THR D 175 7.67 -26.41 12.74
CA THR D 175 8.19 -25.10 13.15
C THR D 175 7.71 -23.95 12.26
N TYR D 176 7.46 -24.27 11.00
CA TYR D 176 6.89 -23.36 10.01
C TYR D 176 5.78 -24.06 9.23
N ARG D 177 4.59 -23.48 9.17
CA ARG D 177 3.52 -24.01 8.33
C ARG D 177 3.63 -23.53 6.88
N GLN D 178 2.93 -24.14 5.94
CA GLN D 178 2.92 -23.68 4.57
C GLN D 178 1.91 -22.60 4.26
N THR D 179 2.15 -21.72 3.29
CA THR D 179 1.13 -20.72 2.93
C THR D 179 0.04 -21.30 2.05
N THR D 180 0.30 -22.34 1.26
CA THR D 180 -0.79 -23.06 0.56
C THR D 180 -1.54 -24.03 1.40
N GLN D 181 -2.66 -24.48 0.87
CA GLN D 181 -3.40 -25.54 1.53
C GLN D 181 -2.68 -26.89 1.53
N ASP D 182 -2.70 -27.52 2.70
CA ASP D 182 -2.07 -28.78 2.93
C ASP D 182 -2.44 -29.46 4.24
N SER D 183 -3.11 -30.62 4.24
CA SER D 183 -3.45 -31.30 5.49
C SER D 183 -2.34 -31.53 6.50
N PHE D 184 -1.14 -31.83 6.02
CA PHE D 184 0.02 -31.99 6.88
C PHE D 184 0.40 -30.73 7.68
N THR D 185 0.22 -29.52 7.13
CA THR D 185 0.59 -28.32 7.89
C THR D 185 -0.63 -27.46 8.21
N GLU D 186 -1.79 -28.05 8.37
CA GLU D 186 -3.01 -27.31 8.64
C GLU D 186 -3.12 -26.57 9.95
N GLY D 187 -3.85 -25.45 10.00
CA GLY D 187 -3.92 -24.62 11.20
C GLY D 187 -5.09 -24.80 12.14
N GLY D 188 -6.13 -25.52 11.76
CA GLY D 188 -7.29 -25.64 12.61
C GLY D 188 -8.47 -24.77 12.18
N TYR D 189 -9.44 -24.62 13.10
CA TYR D 189 -10.73 -24.03 12.82
C TYR D 189 -11.16 -22.90 13.71
N ILE D 190 -11.77 -21.89 13.11
CA ILE D 190 -12.33 -20.78 13.85
C ILE D 190 -13.83 -20.75 13.73
N SER D 191 -14.51 -20.61 14.87
CA SER D 191 -15.97 -20.57 14.87
C SER D 191 -16.55 -19.57 15.84
N MET D 192 -17.74 -19.08 15.52
CA MET D 192 -18.43 -18.14 16.39
C MET D 192 -19.87 -18.56 16.70
N PHE D 193 -20.30 -18.36 17.93
CA PHE D 193 -21.62 -18.72 18.41
C PHE D 193 -22.26 -17.70 19.34
N TYR D 194 -23.60 -17.69 19.41
CA TYR D 194 -24.23 -16.84 20.42
C TYR D 194 -24.07 -17.47 21.80
N GLN D 195 -23.60 -16.74 22.80
CA GLN D 195 -23.45 -17.28 24.16
C GLN D 195 -24.75 -17.07 24.93
N THR D 196 -25.36 -15.93 24.69
CA THR D 196 -26.72 -15.66 25.18
C THR D 196 -27.50 -15.29 23.90
N ARG D 197 -27.85 -14.04 23.60
CA ARG D 197 -28.40 -13.64 22.34
C ARG D 197 -28.40 -12.12 22.18
N ILE D 198 -28.58 -11.56 20.99
CA ILE D 198 -28.73 -10.12 20.83
C ILE D 198 -30.05 -9.69 21.43
N VAL D 199 -30.01 -8.74 22.33
CA VAL D 199 -31.26 -8.23 22.89
C VAL D 199 -31.34 -6.73 22.64
N VAL D 200 -32.43 -6.31 22.02
CA VAL D 200 -32.73 -4.89 21.86
C VAL D 200 -34.05 -4.48 22.54
N PRO D 201 -34.31 -3.20 22.78
CA PRO D 201 -35.61 -2.75 23.24
C PRO D 201 -36.53 -2.47 22.03
N LEU D 202 -37.74 -1.97 22.24
CA LEU D 202 -38.57 -1.53 21.13
C LEU D 202 -38.01 -0.29 20.42
N SER D 203 -38.54 0.10 19.25
CA SER D 203 -38.06 1.26 18.46
C SER D 203 -36.60 1.23 18.06
N THR D 204 -36.04 0.03 18.13
CA THR D 204 -34.62 -0.24 17.89
C THR D 204 -34.47 -1.26 16.76
N PRO D 205 -33.55 -1.16 15.80
CA PRO D 205 -33.25 -2.23 14.88
C PRO D 205 -32.88 -3.57 15.48
N LYS D 206 -33.60 -4.61 15.06
CA LYS D 206 -33.41 -5.98 15.53
C LYS D 206 -32.26 -6.74 14.89
N SER D 207 -31.71 -6.09 13.88
CA SER D 207 -30.64 -6.65 13.03
C SER D 207 -29.51 -5.68 12.84
N MET D 208 -28.29 -6.18 12.76
CA MET D 208 -27.14 -5.30 12.62
C MET D 208 -25.86 -6.00 12.14
N SER D 209 -24.91 -5.19 11.71
CA SER D 209 -23.64 -5.74 11.25
C SER D 209 -22.53 -5.86 12.26
N MET D 210 -21.76 -6.90 12.01
CA MET D 210 -20.51 -7.13 12.72
C MET D 210 -19.39 -7.11 11.68
N LEU D 211 -18.42 -6.27 11.89
CA LEU D 211 -17.22 -6.23 11.04
C LEU D 211 -16.06 -7.01 11.68
N GLY D 212 -15.26 -7.72 10.90
CA GLY D 212 -14.16 -8.51 11.46
C GLY D 212 -12.76 -8.07 10.99
N PHE D 213 -11.75 -8.20 11.82
CA PHE D 213 -10.38 -7.77 11.49
C PHE D 213 -9.28 -8.77 11.79
N VAL D 214 -8.21 -8.85 11.01
CA VAL D 214 -7.11 -9.75 11.33
C VAL D 214 -5.73 -9.12 11.17
N SER D 215 -4.86 -9.47 12.10
CA SER D 215 -3.47 -9.03 12.08
C SER D 215 -2.55 -9.96 12.85
N ALA D 216 -1.27 -9.88 12.55
CA ALA D 216 -0.29 -10.74 13.20
C ALA D 216 0.21 -10.30 14.58
N CYS D 217 0.30 -11.19 15.54
CA CYS D 217 0.90 -10.89 16.82
C CYS D 217 2.42 -10.70 16.63
N ASN D 218 3.21 -10.03 17.48
CA ASN D 218 4.63 -9.81 17.24
C ASN D 218 5.64 -10.96 17.08
N ASP D 219 5.17 -12.19 17.20
CA ASP D 219 6.01 -13.37 17.03
C ASP D 219 5.91 -13.94 15.62
N PHE D 220 5.12 -13.33 14.76
CA PHE D 220 4.89 -13.83 13.41
C PHE D 220 6.02 -13.57 12.41
N SER D 221 6.41 -14.60 11.68
CA SER D 221 7.42 -14.45 10.66
C SER D 221 7.14 -15.29 9.41
N VAL D 222 7.86 -14.98 8.34
CA VAL D 222 7.70 -15.68 7.08
C VAL D 222 9.01 -15.99 6.39
N ARG D 223 9.02 -16.99 5.52
CA ARG D 223 10.22 -17.30 4.74
C ARG D 223 9.97 -17.97 3.39
N LEU D 224 11.05 -17.98 2.59
CA LEU D 224 11.11 -18.44 1.20
C LEU D 224 10.29 -17.55 0.29
N LEU D 225 10.93 -16.48 -0.15
CA LEU D 225 10.32 -15.51 -1.07
C LEU D 225 9.87 -16.24 -2.35
N ARG D 226 8.65 -15.98 -2.76
CA ARG D 226 8.09 -16.57 -3.94
C ARG D 226 7.10 -15.68 -4.68
N ASP D 227 6.77 -16.03 -5.90
CA ASP D 227 5.77 -15.28 -6.62
C ASP D 227 4.36 -15.61 -6.23
N THR D 228 3.55 -14.56 -6.20
CA THR D 228 2.14 -14.65 -5.86
C THR D 228 1.21 -15.09 -6.99
N THR D 229 0.17 -15.83 -6.68
CA THR D 229 -0.90 -16.15 -7.64
C THR D 229 -1.92 -15.04 -7.73
N HIS D 230 -1.78 -14.00 -6.91
CA HIS D 230 -2.74 -12.91 -6.86
C HIS D 230 -2.65 -11.83 -7.94
N ILE D 231 -1.90 -12.07 -9.00
CA ILE D 231 -1.72 -11.13 -10.09
C ILE D 231 -1.14 -11.88 -11.30
N SER D 232 -1.45 -11.46 -12.50
CA SER D 232 -0.87 -12.09 -13.69
C SER D 232 -0.99 -11.21 -14.92
N GLN D 233 -0.42 -11.57 -16.06
CA GLN D 233 -0.73 -10.86 -17.28
C GLN D 233 -0.83 -11.73 -18.52
N SER D 234 -1.72 -11.31 -19.41
CA SER D 234 -1.98 -11.93 -20.69
C SER D 234 -0.98 -11.71 -21.79
N ALA D 235 -0.92 -12.67 -22.73
CA ALA D 235 0.04 -12.68 -23.86
C ALA D 235 0.39 -11.38 -24.58
N GLY E 1 41.12 -2.07 2.63
CA GLY E 1 39.66 -1.80 2.59
C GLY E 1 38.73 -2.98 2.76
N ALA E 2 39.28 -4.18 2.98
CA ALA E 2 38.54 -5.40 3.25
C ALA E 2 37.68 -5.34 4.51
N GLN E 3 36.41 -5.50 4.31
CA GLN E 3 35.41 -5.52 5.38
C GLN E 3 35.03 -6.94 5.83
N VAL E 4 35.25 -7.32 7.08
CA VAL E 4 34.98 -8.67 7.56
C VAL E 4 33.81 -8.74 8.54
N SER E 5 32.83 -9.53 8.16
CA SER E 5 31.62 -9.68 8.95
C SER E 5 31.26 -11.14 9.26
N SER E 6 30.38 -11.34 10.23
CA SER E 6 29.92 -12.69 10.55
C SER E 6 28.69 -13.24 9.84
N GLN E 7 28.76 -14.50 9.49
CA GLN E 7 27.61 -15.19 8.92
C GLN E 7 26.64 -15.67 9.99
N LYS E 8 25.35 -15.51 9.77
CA LYS E 8 24.38 -16.16 10.65
C LYS E 8 24.27 -17.62 10.21
N VAL E 9 25.12 -18.48 10.76
CA VAL E 9 25.16 -19.87 10.32
C VAL E 9 23.95 -20.76 10.67
N GLY E 10 23.16 -21.14 9.68
CA GLY E 10 22.05 -22.07 9.86
C GLY E 10 22.47 -23.53 10.00
N ALA E 11 22.44 -24.42 9.00
CA ALA E 11 22.98 -25.77 9.15
C ALA E 11 24.52 -25.85 9.35
N HIS E 12 24.94 -26.33 10.52
CA HIS E 12 26.35 -26.46 10.90
C HIS E 12 27.00 -27.82 10.60
N GLU E 13 28.16 -27.80 9.94
CA GLU E 13 28.95 -29.00 9.70
C GLU E 13 29.51 -29.66 10.97
N ASN E 14 29.82 -30.96 11.01
CA ASN E 14 30.47 -31.52 12.20
C ASN E 14 31.94 -31.21 12.38
N SER E 15 32.29 -29.95 12.56
CA SER E 15 33.70 -29.53 12.69
C SER E 15 34.28 -29.17 14.05
N SER E 22 30.72 -22.42 16.81
CA SER E 22 31.72 -21.40 16.46
C SER E 22 31.39 -20.36 15.39
N THR E 23 32.12 -19.23 15.39
CA THR E 23 31.83 -18.13 14.45
C THR E 23 32.54 -18.14 13.08
N ILE E 24 31.72 -18.10 12.02
CA ILE E 24 32.21 -18.10 10.66
C ILE E 24 32.01 -16.75 9.98
N ASN E 25 33.04 -16.30 9.30
CA ASN E 25 33.08 -15.01 8.63
C ASN E 25 33.07 -14.95 7.12
N TYR E 26 32.72 -13.80 6.56
CA TYR E 26 32.86 -13.58 5.13
C TYR E 26 33.50 -12.23 4.84
N THR E 27 34.24 -12.16 3.76
CA THR E 27 34.95 -10.95 3.43
C THR E 27 34.35 -10.18 2.27
N THR E 28 34.38 -8.86 2.37
CA THR E 28 33.86 -7.99 1.31
C THR E 28 34.83 -6.87 0.94
N ILE E 29 34.99 -6.61 -0.34
CA ILE E 29 35.75 -5.47 -0.83
C ILE E 29 35.02 -4.75 -1.98
N ASN E 30 34.76 -3.47 -1.85
CA ASN E 30 34.20 -2.66 -2.93
C ASN E 30 35.27 -2.29 -3.94
N TYR E 31 35.02 -2.65 -5.19
CA TYR E 31 35.93 -2.43 -6.28
C TYR E 31 35.75 -1.11 -7.03
N TYR E 32 34.56 -0.53 -6.87
CA TYR E 32 34.20 0.68 -7.59
C TYR E 32 33.97 1.94 -6.74
N LYS E 33 34.27 3.08 -7.34
CA LYS E 33 34.06 4.37 -6.71
C LYS E 33 32.61 4.76 -6.46
N ASP E 34 31.71 4.42 -7.35
CA ASP E 34 30.31 4.79 -7.17
C ASP E 34 29.54 3.84 -6.25
N SER E 35 28.95 4.29 -5.14
CA SER E 35 28.18 3.40 -4.27
C SER E 35 27.07 2.62 -4.96
N ALA E 36 26.45 3.17 -6.01
CA ALA E 36 25.44 2.44 -6.78
C ALA E 36 25.91 1.10 -7.36
N SER E 37 27.21 1.03 -7.66
CA SER E 37 27.87 -0.19 -8.11
C SER E 37 27.95 -1.32 -7.09
N ASN E 38 27.79 -0.95 -5.83
CA ASN E 38 27.91 -1.89 -4.74
C ASN E 38 26.83 -2.92 -4.56
N ALA E 39 27.24 -4.04 -3.99
CA ALA E 39 26.28 -5.07 -3.63
C ALA E 39 25.39 -4.66 -2.46
N ALA E 40 24.41 -5.47 -2.14
CA ALA E 40 23.56 -5.19 -0.99
C ALA E 40 24.13 -5.82 0.26
N SER E 41 24.38 -5.05 1.29
CA SER E 41 24.86 -5.55 2.58
C SER E 41 23.99 -6.52 3.35
N LYS E 42 22.67 -6.46 3.17
CA LYS E 42 21.65 -7.27 3.82
C LYS E 42 21.64 -7.48 5.34
N GLN E 43 22.34 -6.61 6.04
CA GLN E 43 22.34 -6.53 7.49
C GLN E 43 21.38 -5.41 7.85
N ASP E 44 20.08 -5.68 7.91
CA ASP E 44 19.16 -4.58 8.01
C ASP E 44 18.42 -4.35 9.30
N TYR E 45 18.30 -3.10 9.67
CA TYR E 45 17.70 -2.79 10.95
C TYR E 45 16.18 -2.75 10.92
N SER E 46 15.54 -3.31 11.93
CA SER E 46 14.09 -3.36 11.97
C SER E 46 13.50 -2.24 12.78
N GLN E 47 12.21 -1.96 12.65
CA GLN E 47 11.63 -0.88 13.43
C GLN E 47 10.30 -1.22 14.06
N ASP E 48 9.81 -0.31 14.86
CA ASP E 48 8.50 -0.43 15.46
C ASP E 48 7.34 -0.30 14.44
N PRO E 49 6.30 -1.13 14.50
CA PRO E 49 5.07 -0.93 13.76
C PRO E 49 4.20 0.23 14.22
N SER E 50 4.45 0.76 15.42
CA SER E 50 3.70 1.86 16.02
C SER E 50 3.14 2.97 15.16
N LYS E 51 3.93 3.55 14.24
CA LYS E 51 3.43 4.63 13.39
C LYS E 51 2.27 4.23 12.50
N PHE E 52 2.12 2.93 12.26
CA PHE E 52 0.98 2.37 11.53
C PHE E 52 -0.04 1.68 12.43
N THR E 53 0.41 0.88 13.40
CA THR E 53 -0.49 0.14 14.30
C THR E 53 -1.08 0.93 15.45
N GLU E 54 -0.39 1.97 15.91
CA GLU E 54 -0.91 2.87 16.94
C GLU E 54 -0.70 4.38 16.75
N PRO E 55 -1.15 5.04 15.67
CA PRO E 55 -0.86 6.46 15.45
C PRO E 55 -1.71 7.38 16.36
N LEU E 56 -1.97 7.00 17.60
CA LEU E 56 -2.81 7.76 18.50
C LEU E 56 -2.10 8.93 19.15
N LYS E 57 -2.81 10.02 19.38
CA LYS E 57 -2.22 11.14 20.08
C LYS E 57 -2.02 10.79 21.55
N ASP E 58 -3.02 10.21 22.18
CA ASP E 58 -2.88 9.66 23.52
C ASP E 58 -2.74 8.13 23.44
N VAL E 59 -1.51 7.60 23.41
CA VAL E 59 -1.36 6.15 23.35
C VAL E 59 -1.65 5.47 24.67
N LEU E 60 -2.54 4.50 24.60
CA LEU E 60 -2.96 3.79 25.78
C LEU E 60 -2.50 2.36 25.97
N ILE E 61 -2.23 2.02 27.22
CA ILE E 61 -1.82 0.68 27.60
C ILE E 61 -2.91 -0.41 27.42
N LYS E 62 -2.59 -1.51 26.73
CA LYS E 62 -3.57 -2.57 26.40
C LYS E 62 -4.50 -3.14 27.45
N THR E 63 -4.20 -3.04 28.74
CA THR E 63 -5.07 -3.63 29.76
C THR E 63 -6.13 -2.67 30.32
N ALA E 64 -5.99 -1.40 29.96
CA ALA E 64 -6.93 -0.34 30.30
C ALA E 64 -8.04 -0.14 29.28
N PRO E 65 -9.17 0.55 29.52
CA PRO E 65 -10.19 0.72 28.49
C PRO E 65 -9.76 1.60 27.33
N ALA E 66 -9.87 1.17 26.07
CA ALA E 66 -9.50 1.98 24.89
C ALA E 66 -10.25 3.30 24.84
N LEU E 67 -11.49 3.19 25.30
CA LEU E 67 -12.35 4.34 25.48
C LEU E 67 -12.69 4.53 26.93
N ASN E 68 -12.49 5.77 27.34
CA ASN E 68 -12.68 6.18 28.71
C ASN E 68 -12.95 7.66 28.76
C1 J78 F . 23.97 1.25 -21.05
C2 J78 F . 22.99 1.80 -20.06
C3 J78 F . 23.21 3.07 -19.55
C4 J78 F . 22.27 3.62 -18.68
C5 J78 F . 21.13 2.87 -18.36
N4 J78 F . 21.02 1.63 -18.86
N3 J78 F . 21.93 1.09 -19.69
N6 J78 F . 20.20 3.40 -17.56
C7 J78 F . 20.39 4.73 -16.96
C8 J78 F . 19.14 5.38 -16.43
C9 J78 F . 18.07 4.48 -15.91
C10 J78 F . 17.78 3.38 -16.87
C11 J78 F . 19.00 2.58 -17.32
C12 J78 F . 16.86 5.34 -15.64
C13 J78 F . 15.80 4.57 -14.94
C14 J78 F . 16.22 4.28 -13.52
O15 J78 F . 15.47 3.17 -12.99
C16 J78 F . 14.15 3.41 -12.84
C17 J78 F . 13.26 2.55 -13.50
C18 J78 F . 11.91 2.71 -13.32
C19 J78 F . 11.42 3.72 -12.47
C20 J78 F . 12.32 4.55 -11.81
C21 J78 F . 13.69 4.41 -12.00
C22 J78 F . 10.10 4.14 -12.67
O23 J78 F . 9.65 5.03 -11.95
O24 J78 F . 9.29 3.47 -13.69
C25 J78 F . 8.16 4.10 -14.20
C26 J78 F . 6.99 4.70 -13.37
C1 MYR G . 41.73 -2.76 1.66
O1 MYR G . 41.05 -3.24 0.76
C2 MYR G . 43.22 -3.01 1.72
C3 MYR G . 43.55 -4.46 1.43
C4 MYR G . 43.48 -4.83 -0.04
C5 MYR G . 43.61 -6.34 -0.15
C6 MYR G . 43.80 -6.85 -1.57
C7 MYR G . 42.66 -6.41 -2.49
C8 MYR G . 42.60 -7.40 -3.65
C9 MYR G . 41.64 -6.90 -4.69
C10 MYR G . 42.13 -5.64 -5.43
C11 MYR G . 40.93 -4.74 -5.67
C12 MYR G . 41.14 -3.68 -6.72
C13 MYR G . 39.73 -3.18 -7.02
C14 MYR G . 39.65 -2.08 -8.07
#